data_1BVK
#
_entry.id   1BVK
#
_cell.length_a   97.700
_cell.length_b   97.700
_cell.length_c   174.900
_cell.angle_alpha   90.00
_cell.angle_beta   90.00
_cell.angle_gamma   90.00
#
_symmetry.space_group_name_H-M   'P 41 21 2'
#
loop_
_entity.id
_entity.type
_entity.pdbx_description
1 polymer HULYS11
2 polymer HULYS11
3 polymer LYSOZYME
#
loop_
_entity_poly.entity_id
_entity_poly.type
_entity_poly.pdbx_seq_one_letter_code
_entity_poly.pdbx_strand_id
1 'polypeptide(L)'
;DIQMTQSPSSLSASVGDRVTITCRASGNIHNYLAWYQQKPGKAPKLLIYYTTTLADGVPSRFSGSGSGTDYTFTISSLQP
EDIATYYCQHFWSTPRTFGQGTKVEIKR
;
A,D
2 'polypeptide(L)'
;QVQLQESGPGLVRPSQTLSLTCTVSGFSLTGYGVNWVRQPPGRGLEWIGMIWGDGNTDYNSALKSRVTMLKDTSKNQFSL
RLSSVTAADTAVYYCARERDYRLDYWGQGSLVTVSSG
;
B,E
3 'polypeptide(L)'
;KVFGRCELAAAMKRHGLDNYRGYSLGNWVCAAKFESNFNTQATNRNTDGSTDYGILQINSRWWCNDGRTPGSRNLCNIPC
SALLSSDITASVNCAKKIVSDGNGMNAWVAWRNRCKGTDVQAWIRGCRL
;
C,F
#
# COMPACT_ATOMS: atom_id res chain seq x y z
N ASP A 1 -6.75 6.21 24.62
CA ASP A 1 -5.75 6.48 25.70
C ASP A 1 -4.62 7.38 25.24
N ILE A 2 -4.58 8.61 25.76
CA ILE A 2 -3.50 9.52 25.38
C ILE A 2 -2.33 9.27 26.31
N GLN A 3 -1.18 8.92 25.73
CA GLN A 3 0.05 8.66 26.48
C GLN A 3 0.85 9.92 26.60
N MET A 4 1.65 10.00 27.65
CA MET A 4 2.46 11.17 27.88
C MET A 4 3.92 10.79 27.75
N THR A 5 4.65 11.52 26.92
CA THR A 5 6.06 11.24 26.68
C THR A 5 6.85 12.42 27.17
N GLN A 6 7.55 12.25 28.27
CA GLN A 6 8.30 13.35 28.88
C GLN A 6 9.78 13.15 28.84
N SER A 7 10.48 14.22 28.50
CA SER A 7 11.93 14.14 28.43
C SER A 7 12.51 15.48 28.83
N PRO A 8 13.76 15.49 29.31
CA PRO A 8 14.61 14.30 29.47
C PRO A 8 14.28 13.55 30.75
N SER A 9 14.93 12.42 30.98
CA SER A 9 14.69 11.64 32.19
C SER A 9 15.35 12.29 33.40
N SER A 10 16.31 13.17 33.16
CA SER A 10 17.03 13.85 34.24
C SER A 10 17.96 14.84 33.61
N LEU A 11 18.24 15.93 34.31
CA LEU A 11 19.16 16.92 33.81
C LEU A 11 19.93 17.55 34.93
N SER A 12 21.04 18.17 34.57
CA SER A 12 21.92 18.80 35.53
C SER A 12 22.33 20.16 35.06
N ALA A 13 22.27 21.12 35.96
CA ALA A 13 22.69 22.47 35.62
C ALA A 13 23.10 23.24 36.85
N SER A 14 23.72 24.39 36.64
CA SER A 14 24.18 25.31 37.68
C SER A 14 23.10 26.31 38.06
N VAL A 15 23.08 26.72 39.33
CA VAL A 15 22.06 27.68 39.73
C VAL A 15 22.19 28.94 38.91
N GLY A 16 21.08 29.41 38.39
CA GLY A 16 21.14 30.61 37.58
C GLY A 16 20.79 30.29 36.16
N ASP A 17 20.87 29.00 35.82
CA ASP A 17 20.57 28.55 34.47
C ASP A 17 19.10 28.29 34.24
N ARG A 18 18.68 28.32 32.98
CA ARG A 18 17.29 28.03 32.60
C ARG A 18 17.33 26.59 32.20
N VAL A 19 16.36 25.83 32.66
CA VAL A 19 16.27 24.43 32.27
C VAL A 19 14.89 24.36 31.65
N THR A 20 14.69 23.37 30.81
CA THR A 20 13.40 23.21 30.17
C THR A 20 13.09 21.76 30.07
N ILE A 21 11.90 21.40 30.48
CA ILE A 21 11.44 20.04 30.44
C ILE A 21 10.25 20.05 29.47
N THR A 22 10.02 18.95 28.76
CA THR A 22 8.92 18.92 27.84
C THR A 22 8.09 17.67 27.96
N CYS A 23 6.82 17.81 27.58
CA CYS A 23 5.85 16.74 27.54
C CYS A 23 5.20 16.77 26.15
N ARG A 24 5.36 15.67 25.40
CA ARG A 24 4.76 15.54 24.07
C ARG A 24 3.63 14.53 24.23
N ALA A 25 2.43 14.98 23.92
CA ALA A 25 1.22 14.19 24.05
C ALA A 25 0.85 13.36 22.84
N SER A 26 0.60 12.06 23.09
CA SER A 26 0.19 11.07 22.07
C SER A 26 -1.02 11.53 21.26
N GLY A 27 -1.72 12.53 21.77
CA GLY A 27 -2.89 13.03 21.09
C GLY A 27 -3.06 14.42 21.63
N ASN A 28 -3.92 15.17 21.00
CA ASN A 28 -4.17 16.54 21.42
C ASN A 28 -4.89 16.54 22.74
N ILE A 29 -4.28 17.19 23.71
CA ILE A 29 -4.88 17.29 25.03
C ILE A 29 -5.56 18.63 25.27
N HIS A 30 -5.48 19.52 24.30
CA HIS A 30 -6.15 20.82 24.34
C HIS A 30 -5.85 21.79 25.47
N ASN A 31 -4.59 21.88 25.84
CA ASN A 31 -4.10 22.77 26.90
C ASN A 31 -4.40 22.30 28.29
N TYR A 32 -5.09 21.20 28.40
CA TYR A 32 -5.38 20.67 29.70
C TYR A 32 -4.20 19.90 30.27
N LEU A 33 -3.01 20.52 30.30
CA LEU A 33 -1.80 19.87 30.87
C LEU A 33 -1.39 20.46 32.23
N ALA A 34 -0.96 19.63 33.17
CA ALA A 34 -0.56 20.14 34.48
C ALA A 34 0.81 19.64 34.86
N TRP A 35 1.53 20.45 35.64
CA TRP A 35 2.91 20.17 36.09
C TRP A 35 3.02 20.21 37.59
N TYR A 36 3.59 19.15 38.16
CA TYR A 36 3.80 18.97 39.59
C TYR A 36 5.30 18.95 39.85
N GLN A 37 5.70 19.21 41.09
CA GLN A 37 7.09 19.20 41.49
C GLN A 37 7.16 18.24 42.64
N GLN A 38 8.14 17.35 42.72
CA GLN A 38 8.19 16.42 43.86
C GLN A 38 9.54 16.28 44.50
N LYS A 39 9.60 16.54 45.80
CA LYS A 39 10.86 16.44 46.49
C LYS A 39 10.91 15.07 47.15
N PRO A 40 12.12 14.50 47.29
CA PRO A 40 12.22 13.16 47.88
C PRO A 40 11.52 13.18 49.19
N GLY A 41 10.70 12.17 49.43
CA GLY A 41 10.01 12.10 50.71
C GLY A 41 8.59 12.63 50.82
N LYS A 42 8.12 13.37 49.82
CA LYS A 42 6.76 13.89 49.89
C LYS A 42 5.97 13.89 48.58
N ALA A 43 4.67 14.04 48.71
CA ALA A 43 3.75 14.04 47.60
C ALA A 43 4.05 15.11 46.58
N PRO A 44 3.51 14.93 45.39
CA PRO A 44 3.74 15.92 44.36
C PRO A 44 2.91 17.15 44.71
N LYS A 45 3.36 18.31 44.26
CA LYS A 45 2.74 19.59 44.56
C LYS A 45 2.45 20.29 43.25
N LEU A 46 1.29 20.92 43.15
CA LEU A 46 0.89 21.60 41.94
C LEU A 46 1.75 22.83 41.63
N LEU A 47 2.08 23.03 40.37
CA LEU A 47 2.88 24.18 39.96
C LEU A 47 2.17 24.92 38.86
N ILE A 48 1.68 24.20 37.88
CA ILE A 48 0.98 24.84 36.78
C ILE A 48 -0.18 24.04 36.24
N TYR A 49 -1.24 24.72 35.84
CA TYR A 49 -2.41 24.06 35.24
C TYR A 49 -2.83 24.76 33.95
N TYR A 50 -3.67 24.08 33.17
CA TYR A 50 -4.11 24.63 31.91
C TYR A 50 -2.95 25.21 31.15
N THR A 51 -1.84 24.48 31.18
CA THR A 51 -0.64 24.82 30.46
C THR A 51 0.21 25.99 30.90
N THR A 52 -0.40 27.10 31.29
CA THR A 52 0.44 28.24 31.65
C THR A 52 0.15 28.83 33.00
N THR A 53 -1.06 28.58 33.44
CA THR A 53 -1.53 29.11 34.68
C THR A 53 -0.90 28.48 35.89
N LEU A 54 -0.19 29.30 36.66
CA LEU A 54 0.49 28.82 37.88
C LEU A 54 -0.33 28.85 39.15
N ALA A 55 0.02 27.93 40.04
CA ALA A 55 -0.65 27.82 41.31
C ALA A 55 -0.23 28.96 42.20
N ASP A 56 -0.94 29.10 43.30
CA ASP A 56 -0.69 30.17 44.24
C ASP A 56 0.57 29.93 45.02
N GLY A 57 1.34 31.00 45.17
CA GLY A 57 2.58 30.92 45.91
C GLY A 57 3.75 30.48 45.04
N VAL A 58 3.47 29.78 43.95
CA VAL A 58 4.54 29.33 43.07
C VAL A 58 5.36 30.55 42.67
N PRO A 59 6.70 30.41 42.61
CA PRO A 59 7.55 31.52 42.22
C PRO A 59 7.40 31.72 40.74
N SER A 60 7.89 32.87 40.26
CA SER A 60 7.81 33.23 38.85
C SER A 60 8.86 32.54 38.00
N ARG A 61 9.89 32.00 38.63
CA ARG A 61 10.93 31.28 37.90
C ARG A 61 10.28 30.29 36.95
N PHE A 62 9.16 29.72 37.39
CA PHE A 62 8.44 28.74 36.60
C PHE A 62 7.52 29.30 35.57
N SER A 63 7.38 28.54 34.49
CA SER A 63 6.47 28.94 33.44
C SER A 63 6.12 27.72 32.65
N GLY A 64 5.19 27.89 31.73
CA GLY A 64 4.77 26.79 30.91
C GLY A 64 4.06 27.31 29.68
N SER A 65 4.45 26.83 28.51
CA SER A 65 3.82 27.22 27.25
C SER A 65 3.59 25.93 26.49
N GLY A 66 2.70 25.97 25.51
CA GLY A 66 2.43 24.76 24.78
C GLY A 66 1.03 24.78 24.25
N SER A 67 0.80 23.93 23.26
CA SER A 67 -0.49 23.83 22.64
C SER A 67 -0.48 22.52 21.88
N GLY A 68 -1.66 22.04 21.52
CA GLY A 68 -1.72 20.79 20.79
C GLY A 68 -1.10 19.65 21.55
N THR A 69 -0.02 19.09 20.99
CA THR A 69 0.62 17.96 21.66
C THR A 69 1.92 18.37 22.27
N ASP A 70 2.44 19.50 21.84
CA ASP A 70 3.70 19.95 22.32
C ASP A 70 3.61 20.92 23.45
N TYR A 71 4.06 20.47 24.62
CA TYR A 71 4.05 21.29 25.84
C TYR A 71 5.41 21.29 26.45
N THR A 72 5.75 22.45 27.03
CA THR A 72 7.05 22.70 27.66
C THR A 72 6.92 23.51 28.96
N PHE A 73 7.76 23.17 29.93
CA PHE A 73 7.79 23.82 31.25
C PHE A 73 9.19 24.42 31.49
N THR A 74 9.28 25.69 31.87
CA THR A 74 10.59 26.32 32.10
C THR A 74 10.88 26.90 33.48
N ILE A 75 12.01 26.50 34.04
CA ILE A 75 12.47 27.09 35.29
C ILE A 75 13.40 28.17 34.74
N SER A 76 13.06 29.44 34.87
CA SER A 76 13.94 30.44 34.29
C SER A 76 15.30 30.59 34.98
N SER A 77 15.39 30.28 36.27
CA SER A 77 16.67 30.41 37.01
C SER A 77 16.87 29.31 38.03
N LEU A 78 17.43 28.19 37.62
CA LEU A 78 17.60 27.08 38.52
C LEU A 78 18.19 27.56 39.81
N GLN A 79 17.44 27.32 40.90
CA GLN A 79 17.82 27.67 42.27
C GLN A 79 17.84 26.40 43.11
N PRO A 80 18.68 26.35 44.17
CA PRO A 80 18.81 25.18 45.06
C PRO A 80 17.51 24.53 45.50
N GLU A 81 16.47 25.34 45.65
CA GLU A 81 15.14 24.91 46.09
C GLU A 81 14.26 24.37 44.95
N ASP A 82 14.87 24.12 43.80
CA ASP A 82 14.15 23.61 42.65
C ASP A 82 14.49 22.15 42.37
N ILE A 83 15.49 21.67 43.08
CA ILE A 83 15.93 20.32 42.91
C ILE A 83 14.88 19.33 43.35
N ALA A 84 14.15 18.77 42.40
CA ALA A 84 13.14 17.76 42.69
C ALA A 84 12.87 17.10 41.35
N THR A 85 11.85 16.25 41.30
CA THR A 85 11.49 15.60 40.06
C THR A 85 10.21 16.27 39.60
N TYR A 86 10.08 16.51 38.29
CA TYR A 86 8.88 17.15 37.75
C TYR A 86 8.14 16.28 36.80
N TYR A 87 6.84 16.22 36.97
CA TYR A 87 5.97 15.39 36.15
C TYR A 87 4.95 16.22 35.43
N CYS A 88 4.23 15.61 34.50
CA CYS A 88 3.17 16.29 33.77
C CYS A 88 2.04 15.33 33.75
N GLN A 89 0.84 15.84 33.67
CA GLN A 89 -0.31 14.97 33.65
C GLN A 89 -1.29 15.69 32.83
N HIS A 90 -1.92 14.98 31.91
CA HIS A 90 -2.94 15.57 31.03
C HIS A 90 -4.30 15.37 31.69
N PHE A 91 -5.23 16.26 31.35
CA PHE A 91 -6.55 16.21 31.94
C PHE A 91 -7.60 16.25 30.82
N TRP A 92 -7.16 15.81 29.64
CA TRP A 92 -8.06 15.74 28.49
C TRP A 92 -8.79 14.39 28.47
N SER A 93 -10.00 14.37 29.01
CA SER A 93 -10.84 13.17 29.10
C SER A 93 -10.09 12.14 29.92
N THR A 94 -10.72 11.01 30.17
CA THR A 94 -10.05 10.00 30.95
C THR A 94 -9.78 8.79 30.08
N PRO A 95 -8.80 7.96 30.48
CA PRO A 95 -7.98 8.15 31.67
C PRO A 95 -6.82 9.14 31.49
N ARG A 96 -6.27 9.64 32.59
CA ARG A 96 -5.12 10.53 32.48
C ARG A 96 -3.87 9.73 32.70
N THR A 97 -2.78 10.28 32.19
CA THR A 97 -1.49 9.65 32.25
C THR A 97 -0.43 10.68 32.61
N PHE A 98 0.54 10.26 33.37
CA PHE A 98 1.59 11.16 33.74
C PHE A 98 2.78 10.95 32.87
N GLY A 99 3.56 11.99 32.67
CA GLY A 99 4.79 11.80 31.96
C GLY A 99 5.58 11.02 33.00
N GLN A 100 6.79 10.62 32.65
CA GLN A 100 7.64 9.86 33.57
C GLN A 100 8.42 10.79 34.50
N GLY A 101 8.23 12.09 34.37
CA GLY A 101 8.98 12.99 35.23
C GLY A 101 10.47 13.03 34.96
N THR A 102 10.98 14.23 35.07
CA THR A 102 12.38 14.57 34.86
C THR A 102 12.93 14.79 36.27
N LYS A 103 14.20 14.49 36.49
CA LYS A 103 14.84 14.67 37.77
C LYS A 103 15.85 15.80 37.60
N VAL A 104 15.49 16.98 38.06
CA VAL A 104 16.38 18.10 37.94
C VAL A 104 17.38 18.05 39.05
N GLU A 105 18.61 18.44 38.77
CA GLU A 105 19.66 18.45 39.76
C GLU A 105 20.79 19.44 39.53
N ILE A 106 21.54 19.70 40.59
CA ILE A 106 22.63 20.67 40.55
C ILE A 106 23.95 20.13 40.05
N LYS A 107 24.43 20.78 38.99
CA LYS A 107 25.70 20.41 38.38
C LYS A 107 26.82 20.63 39.37
N ARG A 108 27.64 19.58 39.50
CA ARG A 108 28.77 19.51 40.41
C ARG A 108 28.30 19.19 41.84
N GLN B 1 -8.39 24.72 54.87
CA GLN B 1 -8.40 23.55 55.81
C GLN B 1 -8.53 22.21 55.04
N VAL B 2 -7.98 22.17 53.82
CA VAL B 2 -8.07 20.96 53.00
C VAL B 2 -7.07 19.86 53.37
N GLN B 3 -7.55 18.80 54.00
CA GLN B 3 -6.67 17.69 54.40
C GLN B 3 -7.16 16.32 53.94
N LEU B 4 -6.18 15.53 53.47
CA LEU B 4 -6.41 14.17 53.04
C LEU B 4 -5.40 13.34 53.82
N GLN B 5 -5.75 12.11 54.13
CA GLN B 5 -4.86 11.26 54.89
C GLN B 5 -5.17 9.83 54.51
N GLU B 6 -4.21 9.15 53.90
CA GLU B 6 -4.47 7.78 53.57
C GLU B 6 -4.05 6.89 54.72
N SER B 7 -4.81 5.80 54.84
CA SER B 7 -4.60 4.83 55.89
C SER B 7 -4.90 3.48 55.29
N GLY B 8 -4.11 2.50 55.71
CA GLY B 8 -4.27 1.13 55.26
C GLY B 8 -3.16 0.23 55.78
N PRO B 9 -3.07 -1.00 55.26
CA PRO B 9 -2.05 -1.96 55.68
C PRO B 9 -0.70 -1.66 55.02
N GLY B 10 0.38 -2.12 55.63
CA GLY B 10 1.68 -1.91 55.03
C GLY B 10 2.04 -3.20 54.31
N LEU B 11 1.74 -4.29 55.02
CA LEU B 11 2.02 -5.64 54.56
C LEU B 11 0.76 -6.33 54.11
N VAL B 12 0.85 -6.99 52.97
CA VAL B 12 -0.29 -7.71 52.42
C VAL B 12 0.22 -8.93 51.66
N ARG B 13 -0.35 -10.08 52.00
CA ARG B 13 -0.01 -11.34 51.35
C ARG B 13 -0.56 -11.30 49.91
N PRO B 14 0.23 -11.76 48.93
CA PRO B 14 -0.24 -11.77 47.54
C PRO B 14 -1.58 -12.53 47.41
N SER B 15 -2.27 -12.36 46.28
CA SER B 15 -3.58 -12.98 46.00
C SER B 15 -4.70 -12.40 46.89
N GLN B 16 -4.30 -11.76 47.98
CA GLN B 16 -5.24 -11.16 48.89
C GLN B 16 -5.66 -9.87 48.25
N THR B 17 -6.62 -9.19 48.88
CA THR B 17 -7.16 -7.95 48.33
C THR B 17 -6.74 -6.70 49.10
N LEU B 18 -6.13 -5.75 48.38
CA LEU B 18 -5.69 -4.50 48.96
C LEU B 18 -6.87 -3.56 49.07
N SER B 19 -6.99 -2.90 50.24
CA SER B 19 -8.09 -1.98 50.54
C SER B 19 -7.66 -0.81 51.45
N LEU B 20 -7.24 0.31 50.86
CA LEU B 20 -6.85 1.45 51.68
C LEU B 20 -8.03 2.45 51.83
N THR B 21 -7.89 3.40 52.75
CA THR B 21 -8.91 4.42 53.00
C THR B 21 -8.37 5.86 52.89
N CYS B 22 -9.20 6.77 52.39
CA CYS B 22 -8.79 8.17 52.31
C CYS B 22 -9.85 9.02 52.96
N THR B 23 -9.46 9.64 54.05
CA THR B 23 -10.39 10.45 54.83
C THR B 23 -10.11 11.94 54.63
N VAL B 24 -11.08 12.67 54.09
CA VAL B 24 -10.87 14.09 53.84
C VAL B 24 -11.51 15.02 54.86
N SER B 25 -11.43 16.31 54.60
CA SER B 25 -11.97 17.35 55.46
C SER B 25 -11.71 18.71 54.83
N GLY B 26 -12.47 19.72 55.23
CA GLY B 26 -12.26 21.03 54.67
C GLY B 26 -12.92 21.29 53.34
N PHE B 27 -13.60 20.28 52.78
CA PHE B 27 -14.28 20.48 51.50
C PHE B 27 -15.44 19.51 51.27
N SER B 28 -16.27 19.84 50.28
CA SER B 28 -17.47 19.08 49.93
C SER B 28 -17.24 17.78 49.14
N LEU B 29 -17.65 16.64 49.71
CA LEU B 29 -17.47 15.33 49.06
C LEU B 29 -18.31 15.20 47.82
N THR B 30 -19.09 16.23 47.53
CA THR B 30 -19.93 16.19 46.35
C THR B 30 -19.55 17.24 45.28
N GLY B 31 -18.74 18.23 45.65
CA GLY B 31 -18.32 19.26 44.70
C GLY B 31 -16.90 19.08 44.18
N TYR B 32 -16.25 18.05 44.69
CA TYR B 32 -14.89 17.72 44.32
C TYR B 32 -14.81 16.23 44.18
N GLY B 33 -13.92 15.79 43.30
CA GLY B 33 -13.75 14.36 43.09
C GLY B 33 -12.41 13.93 43.65
N VAL B 34 -12.17 12.63 43.69
CA VAL B 34 -10.89 12.19 44.18
C VAL B 34 -10.22 11.16 43.31
N ASN B 35 -8.94 11.40 43.08
CA ASN B 35 -8.07 10.56 42.26
C ASN B 35 -7.12 9.76 43.12
N TRP B 36 -6.89 8.51 42.76
CA TRP B 36 -5.93 7.69 43.47
C TRP B 36 -4.75 7.54 42.51
N VAL B 37 -3.53 7.81 42.97
CA VAL B 37 -2.35 7.62 42.16
C VAL B 37 -1.38 6.84 43.04
N ARG B 38 -0.59 5.95 42.43
CA ARG B 38 0.38 5.20 43.21
C ARG B 38 1.80 5.45 42.73
N GLN B 39 2.79 5.03 43.48
CA GLN B 39 4.16 5.27 43.05
C GLN B 39 5.07 4.22 43.67
N PRO B 40 5.59 3.28 42.87
CA PRO B 40 6.46 2.23 43.42
C PRO B 40 7.72 2.84 43.99
N PRO B 41 8.25 2.27 45.07
CA PRO B 41 9.47 2.88 45.60
C PRO B 41 10.59 3.02 44.55
N GLY B 42 10.93 4.26 44.25
CA GLY B 42 11.97 4.56 43.29
C GLY B 42 11.42 4.91 41.91
N ARG B 43 10.30 4.30 41.55
CA ARG B 43 9.68 4.50 40.24
C ARG B 43 8.82 5.78 40.14
N GLY B 44 8.15 5.99 38.99
CA GLY B 44 7.35 7.20 38.79
C GLY B 44 5.92 7.15 39.27
N LEU B 45 5.14 8.17 38.91
CA LEU B 45 3.76 8.32 39.34
C LEU B 45 2.75 7.70 38.41
N GLU B 46 2.03 6.71 38.89
CA GLU B 46 1.00 6.02 38.11
C GLU B 46 -0.39 6.44 38.58
N TRP B 47 -1.25 6.83 37.65
CA TRP B 47 -2.63 7.22 37.93
C TRP B 47 -3.55 5.99 37.96
N ILE B 48 -4.11 5.67 39.11
CA ILE B 48 -4.99 4.52 39.27
C ILE B 48 -6.45 4.75 38.88
N GLY B 49 -6.90 5.99 38.99
CA GLY B 49 -8.28 6.29 38.66
C GLY B 49 -8.92 7.32 39.58
N MET B 50 -10.18 7.64 39.30
CA MET B 50 -10.90 8.65 40.09
C MET B 50 -12.35 8.31 40.36
N ILE B 51 -12.99 9.14 41.17
CA ILE B 51 -14.41 8.99 41.47
C ILE B 51 -14.92 10.42 41.50
N TRP B 52 -15.74 10.76 40.51
CA TRP B 52 -16.23 12.11 40.40
C TRP B 52 -17.15 12.54 41.52
N GLY B 53 -17.27 13.87 41.69
CA GLY B 53 -18.12 14.43 42.72
C GLY B 53 -19.49 13.81 42.66
N ASP B 54 -19.94 13.51 41.44
CA ASP B 54 -21.24 12.91 41.24
C ASP B 54 -21.27 11.39 41.38
N GLY B 55 -20.39 10.85 42.18
CA GLY B 55 -20.38 9.42 42.38
C GLY B 55 -19.85 8.54 41.26
N ASN B 56 -19.39 9.14 40.16
CA ASN B 56 -18.89 8.37 39.02
C ASN B 56 -17.43 7.96 39.12
N THR B 57 -17.10 6.82 38.50
CA THR B 57 -15.75 6.25 38.48
C THR B 57 -15.15 6.17 37.09
N ASP B 58 -13.82 6.14 37.03
CA ASP B 58 -13.06 5.98 35.79
C ASP B 58 -11.74 5.34 36.20
N TYR B 59 -11.44 4.18 35.64
CA TYR B 59 -10.21 3.52 35.99
C TYR B 59 -9.21 3.48 34.84
N ASN B 60 -7.93 3.40 35.18
CA ASN B 60 -6.92 3.33 34.13
C ASN B 60 -7.15 2.01 33.42
N SER B 61 -7.14 2.01 32.10
CA SER B 61 -7.41 0.78 31.36
C SER B 61 -6.61 -0.51 31.65
N ALA B 62 -5.70 -0.46 32.62
CA ALA B 62 -4.91 -1.63 32.98
C ALA B 62 -5.40 -2.28 34.28
N LEU B 63 -5.47 -1.49 35.35
CA LEU B 63 -5.93 -1.96 36.65
C LEU B 63 -7.47 -2.03 36.76
N LYS B 64 -8.14 -1.65 35.68
CA LYS B 64 -9.60 -1.64 35.66
C LYS B 64 -10.35 -2.83 36.23
N SER B 65 -10.16 -4.02 35.68
CA SER B 65 -10.92 -5.16 36.18
C SER B 65 -10.57 -5.58 37.61
N ARG B 66 -9.82 -4.74 38.33
CA ARG B 66 -9.51 -5.09 39.72
C ARG B 66 -9.55 -3.97 40.80
N VAL B 67 -9.87 -2.74 40.41
CA VAL B 67 -9.95 -1.64 41.35
C VAL B 67 -11.39 -1.22 41.44
N THR B 68 -11.84 -1.00 42.67
CA THR B 68 -13.21 -0.60 42.97
C THR B 68 -13.11 0.63 43.83
N MET B 69 -13.78 1.71 43.46
CA MET B 69 -13.71 2.92 44.28
C MET B 69 -15.01 3.30 44.97
N LEU B 70 -14.91 3.65 46.23
CA LEU B 70 -16.11 4.02 46.93
C LEU B 70 -16.01 5.33 47.70
N LYS B 71 -17.17 5.93 47.88
CA LYS B 71 -17.28 7.18 48.60
C LYS B 71 -18.10 6.86 49.83
N ASP B 72 -17.90 7.63 50.87
CA ASP B 72 -18.67 7.43 52.07
C ASP B 72 -18.78 8.79 52.69
N THR B 73 -19.89 9.43 52.36
CA THR B 73 -20.20 10.74 52.88
C THR B 73 -20.39 10.71 54.42
N SER B 74 -20.38 9.52 54.98
CA SER B 74 -20.58 9.31 56.42
C SER B 74 -19.38 9.74 57.18
N LYS B 75 -18.28 9.00 57.03
CA LYS B 75 -17.09 9.38 57.76
C LYS B 75 -16.14 10.26 56.94
N ASN B 76 -16.64 10.76 55.81
CA ASN B 76 -15.86 11.58 54.90
C ASN B 76 -14.66 10.77 54.47
N GLN B 77 -14.95 9.76 53.69
CA GLN B 77 -13.88 8.95 53.25
C GLN B 77 -14.24 8.28 51.95
N PHE B 78 -13.17 8.01 51.21
CA PHE B 78 -13.21 7.36 49.90
C PHE B 78 -12.37 6.11 50.08
N SER B 79 -12.80 5.04 49.44
CA SER B 79 -12.14 3.75 49.55
C SER B 79 -11.71 3.24 48.18
N LEU B 80 -10.56 2.57 48.18
CA LEU B 80 -9.95 1.96 47.00
C LEU B 80 -9.66 0.52 47.38
N ARG B 81 -10.21 -0.42 46.61
CA ARG B 81 -9.99 -1.84 46.84
C ARG B 81 -9.24 -2.35 45.64
N LEU B 82 -8.05 -2.87 45.87
CA LEU B 82 -7.27 -3.38 44.79
C LEU B 82 -7.29 -4.86 45.03
N SER B 83 -7.91 -5.61 44.12
CA SER B 83 -8.05 -7.04 44.24
C SER B 83 -6.90 -7.92 43.76
N SER B 84 -6.72 -9.04 44.48
CA SER B 84 -5.66 -10.01 44.19
C SER B 84 -4.37 -9.35 43.72
N VAL B 85 -3.66 -8.82 44.71
CA VAL B 85 -2.40 -8.12 44.52
C VAL B 85 -1.21 -9.03 44.24
N THR B 86 -0.50 -8.76 43.18
CA THR B 86 0.68 -9.54 42.88
C THR B 86 1.69 -8.74 43.68
N ALA B 87 2.95 -8.79 43.32
CA ALA B 87 3.95 -8.04 44.08
C ALA B 87 4.49 -6.80 43.39
N ALA B 88 3.74 -6.26 42.44
CA ALA B 88 4.16 -5.02 41.80
C ALA B 88 3.10 -4.00 42.16
N ASP B 89 2.26 -4.39 43.13
CA ASP B 89 1.22 -3.50 43.64
C ASP B 89 1.85 -2.90 44.89
N THR B 90 3.13 -3.20 45.06
CA THR B 90 3.91 -2.67 46.16
C THR B 90 4.15 -1.21 45.79
N ALA B 91 3.59 -0.29 46.58
CA ALA B 91 3.78 1.11 46.31
C ALA B 91 3.23 2.00 47.39
N VAL B 92 3.22 3.28 47.10
CA VAL B 92 2.74 4.30 47.98
C VAL B 92 1.51 4.81 47.30
N TYR B 93 0.36 4.57 47.91
CA TYR B 93 -0.90 5.02 47.32
C TYR B 93 -1.26 6.41 47.80
N TYR B 94 -1.55 7.29 46.86
CA TYR B 94 -1.92 8.64 47.19
C TYR B 94 -3.36 8.78 46.88
N CYS B 95 -3.95 9.84 47.36
CA CYS B 95 -5.33 10.13 47.13
C CYS B 95 -5.25 11.64 47.06
N ALA B 96 -5.64 12.20 45.93
CA ALA B 96 -5.57 13.64 45.75
C ALA B 96 -6.92 14.22 45.43
N ARG B 97 -7.15 15.47 45.79
CA ARG B 97 -8.45 16.06 45.49
C ARG B 97 -8.38 16.74 44.15
N GLU B 98 -9.34 16.46 43.29
CA GLU B 98 -9.36 17.06 41.99
C GLU B 98 -10.24 18.29 41.86
N ARG B 99 -9.61 19.46 41.74
CA ARG B 99 -10.32 20.75 41.59
C ARG B 99 -10.31 21.33 40.19
N ASP B 100 -11.33 21.06 39.41
CA ASP B 100 -11.41 21.63 38.08
C ASP B 100 -10.18 21.35 37.23
N TYR B 101 -9.93 20.07 37.03
CA TYR B 101 -8.82 19.61 36.21
C TYR B 101 -7.41 20.00 36.68
N ARG B 102 -7.11 19.58 37.90
CA ARG B 102 -5.82 19.82 38.52
C ARG B 102 -5.85 19.18 39.91
N LEU B 103 -4.87 18.35 40.25
CA LEU B 103 -4.88 17.72 41.57
C LEU B 103 -4.23 18.66 42.55
N ASP B 104 -5.02 19.55 43.17
CA ASP B 104 -4.43 20.53 44.07
C ASP B 104 -4.18 20.17 45.52
N TYR B 105 -4.84 19.16 46.03
CA TYR B 105 -4.59 18.75 47.41
C TYR B 105 -4.29 17.28 47.42
N TRP B 106 -3.13 16.97 47.95
CA TRP B 106 -2.62 15.61 48.01
C TRP B 106 -2.43 15.08 49.41
N GLY B 107 -2.71 13.80 49.56
CA GLY B 107 -2.51 13.15 50.83
C GLY B 107 -1.02 13.03 51.08
N GLN B 108 -0.64 12.44 52.21
CA GLN B 108 0.77 12.32 52.58
C GLN B 108 1.34 11.06 51.97
N GLY B 109 0.45 10.13 51.67
CA GLY B 109 0.85 8.87 51.09
C GLY B 109 1.24 7.80 52.07
N SER B 110 0.65 6.63 51.87
CA SER B 110 0.92 5.44 52.67
C SER B 110 1.50 4.29 51.85
N LEU B 111 2.61 3.75 52.34
CA LEU B 111 3.25 2.64 51.68
C LEU B 111 2.54 1.34 51.96
N VAL B 112 2.45 0.54 50.93
CA VAL B 112 1.83 -0.76 51.07
C VAL B 112 2.72 -1.67 50.27
N THR B 113 3.12 -2.77 50.89
CA THR B 113 3.98 -3.73 50.21
C THR B 113 3.45 -5.16 50.37
N VAL B 114 3.52 -5.92 49.29
CA VAL B 114 3.10 -7.33 49.31
C VAL B 114 4.36 -8.18 49.55
N SER B 115 4.26 -9.05 50.56
CA SER B 115 5.36 -9.94 50.90
C SER B 115 5.45 -11.16 49.98
N SER B 116 6.32 -12.09 50.39
CA SER B 116 6.66 -13.36 49.72
C SER B 116 8.03 -13.24 49.06
N LYS C 1 -31.61 34.03 21.17
CA LYS C 1 -31.80 32.72 20.51
C LYS C 1 -31.02 31.68 21.22
N VAL C 2 -31.28 30.45 20.81
CA VAL C 2 -30.67 29.25 21.30
C VAL C 2 -29.39 28.88 20.57
N PHE C 3 -28.26 29.19 21.18
CA PHE C 3 -26.94 28.85 20.65
C PHE C 3 -26.70 27.33 20.66
N GLY C 4 -25.43 26.99 20.48
CA GLY C 4 -24.97 25.62 20.50
C GLY C 4 -23.82 25.58 21.47
N ARG C 5 -23.60 24.46 22.16
CA ARG C 5 -22.52 24.47 23.10
C ARG C 5 -21.24 24.96 22.47
N CYS C 6 -20.88 24.37 21.33
CA CYS C 6 -19.66 24.73 20.62
C CYS C 6 -19.76 26.13 20.09
N GLU C 7 -20.96 26.48 19.66
CA GLU C 7 -21.26 27.79 19.17
C GLU C 7 -20.99 28.80 20.27
N LEU C 8 -21.57 28.56 21.45
CA LEU C 8 -21.43 29.47 22.58
C LEU C 8 -20.07 29.38 23.26
N ALA C 9 -19.59 28.16 23.43
CA ALA C 9 -18.33 27.95 24.07
C ALA C 9 -17.29 28.79 23.35
N ALA C 10 -17.52 28.95 22.06
CA ALA C 10 -16.65 29.74 21.21
C ALA C 10 -16.66 31.21 21.64
N ALA C 11 -17.88 31.76 21.76
CA ALA C 11 -18.11 33.16 22.14
C ALA C 11 -17.61 33.44 23.55
N MET C 12 -17.90 32.54 24.48
CA MET C 12 -17.42 32.70 25.84
C MET C 12 -15.89 32.65 25.80
N LYS C 13 -15.36 31.86 24.88
CA LYS C 13 -13.93 31.78 24.74
C LYS C 13 -13.42 33.13 24.25
N ARG C 14 -14.09 33.66 23.23
CA ARG C 14 -13.73 34.96 22.65
C ARG C 14 -13.97 36.08 23.65
N HIS C 15 -14.85 35.83 24.60
CA HIS C 15 -15.13 36.86 25.60
C HIS C 15 -14.44 36.79 26.95
N GLY C 16 -13.30 36.10 26.99
CA GLY C 16 -12.53 36.01 28.23
C GLY C 16 -12.98 35.09 29.32
N LEU C 17 -13.87 34.17 28.99
CA LEU C 17 -14.31 33.27 30.02
C LEU C 17 -13.40 32.05 30.21
N ASP C 18 -12.56 31.69 29.23
CA ASP C 18 -11.70 30.53 29.39
C ASP C 18 -10.65 30.69 30.47
N ASN C 19 -10.84 29.88 31.49
CA ASN C 19 -10.02 29.84 32.67
C ASN C 19 -10.01 31.13 33.43
N TYR C 20 -11.17 31.79 33.48
CA TYR C 20 -11.30 33.04 34.20
C TYR C 20 -11.44 32.68 35.67
N ARG C 21 -10.64 33.32 36.50
CA ARG C 21 -10.63 33.03 37.91
C ARG C 21 -10.47 31.52 38.04
N GLY C 22 -9.58 30.96 37.23
CA GLY C 22 -9.31 29.53 37.26
C GLY C 22 -10.50 28.63 37.04
N TYR C 23 -11.39 29.08 36.17
CA TYR C 23 -12.64 28.33 35.96
C TYR C 23 -12.63 27.80 34.56
N SER C 24 -12.48 26.49 34.33
CA SER C 24 -12.45 25.93 32.96
C SER C 24 -13.69 26.26 32.13
N LEU C 25 -13.47 26.57 30.85
CA LEU C 25 -14.57 26.88 29.90
C LEU C 25 -15.76 25.91 30.00
N GLY C 26 -15.52 24.65 30.38
CA GLY C 26 -16.60 23.67 30.52
C GLY C 26 -17.63 24.31 31.40
N ASN C 27 -17.22 24.75 32.59
CA ASN C 27 -18.09 25.38 33.56
C ASN C 27 -18.96 26.47 33.06
N TRP C 28 -18.44 27.30 32.20
CA TRP C 28 -19.23 28.40 31.70
C TRP C 28 -20.28 27.96 30.71
N VAL C 29 -20.05 26.82 30.09
CA VAL C 29 -21.02 26.32 29.17
C VAL C 29 -22.11 25.57 29.94
N CYS C 30 -21.72 24.74 30.92
CA CYS C 30 -22.66 23.96 31.71
C CYS C 30 -23.67 24.84 32.39
N ALA C 31 -23.22 26.02 32.80
CA ALA C 31 -24.08 26.98 33.47
C ALA C 31 -25.21 27.39 32.57
N ALA C 32 -24.85 28.03 31.47
CA ALA C 32 -25.86 28.50 30.55
C ALA C 32 -26.72 27.35 30.11
N LYS C 33 -26.14 26.17 30.01
CA LYS C 33 -26.90 25.04 29.58
C LYS C 33 -28.13 24.88 30.44
N PHE C 34 -27.93 24.76 31.74
CA PHE C 34 -29.04 24.57 32.65
C PHE C 34 -29.81 25.78 33.08
N GLU C 35 -29.13 26.90 33.28
CA GLU C 35 -29.81 28.13 33.65
C GLU C 35 -30.75 28.52 32.52
N SER C 36 -30.20 28.97 31.40
CA SER C 36 -30.99 29.41 30.27
C SER C 36 -31.27 28.41 29.19
N ASN C 37 -30.63 27.25 29.26
CA ASN C 37 -30.81 26.26 28.22
C ASN C 37 -30.47 26.86 26.86
N PHE C 38 -29.34 27.56 26.83
CA PHE C 38 -28.82 28.22 25.64
C PHE C 38 -29.74 29.25 24.98
N ASN C 39 -30.61 29.90 25.74
CA ASN C 39 -31.53 30.87 25.14
C ASN C 39 -31.28 32.28 25.62
N THR C 40 -31.01 33.22 24.72
CA THR C 40 -30.76 34.56 25.22
C THR C 40 -32.01 35.26 25.66
N GLN C 41 -33.15 34.78 25.18
CA GLN C 41 -34.46 35.38 25.49
C GLN C 41 -35.07 34.80 26.79
N ALA C 42 -34.30 33.98 27.50
CA ALA C 42 -34.82 33.37 28.72
C ALA C 42 -35.14 34.42 29.75
N THR C 43 -36.25 34.20 30.43
CA THR C 43 -36.71 35.07 31.51
C THR C 43 -37.44 34.12 32.46
N ASN C 44 -37.05 34.08 33.73
CA ASN C 44 -37.71 33.21 34.71
C ASN C 44 -38.05 34.00 35.97
N ARG C 45 -39.18 33.68 36.61
CA ARG C 45 -39.63 34.40 37.81
C ARG C 45 -39.20 33.72 39.10
N ASN C 46 -39.21 34.51 40.15
CA ASN C 46 -38.84 33.99 41.43
C ASN C 46 -39.97 33.98 42.43
N THR C 47 -39.57 33.94 43.70
CA THR C 47 -40.48 33.89 44.83
C THR C 47 -40.39 35.23 45.57
N ASP C 48 -40.24 36.29 44.76
CA ASP C 48 -40.12 37.66 45.25
C ASP C 48 -40.34 38.58 44.05
N GLY C 49 -39.78 39.78 44.07
CA GLY C 49 -39.98 40.63 42.91
C GLY C 49 -39.10 40.25 41.73
N SER C 50 -38.07 39.44 42.02
CA SER C 50 -37.06 38.99 41.06
C SER C 50 -37.45 38.20 39.85
N THR C 51 -36.80 38.57 38.77
CA THR C 51 -36.94 37.93 37.48
C THR C 51 -35.52 37.83 36.93
N ASP C 52 -35.06 36.59 36.74
CA ASP C 52 -33.71 36.28 36.18
C ASP C 52 -33.70 36.54 34.68
N TYR C 53 -32.63 37.11 34.15
CA TYR C 53 -32.59 37.43 32.72
C TYR C 53 -31.44 36.91 31.92
N GLY C 54 -31.76 36.41 30.72
CA GLY C 54 -30.76 35.94 29.78
C GLY C 54 -30.13 34.54 29.80
N ILE C 55 -29.10 34.36 29.00
CA ILE C 55 -28.43 33.05 28.95
C ILE C 55 -27.73 32.71 30.26
N LEU C 56 -27.46 33.71 31.09
CA LEU C 56 -26.81 33.44 32.36
C LEU C 56 -27.67 33.85 33.54
N GLN C 57 -28.96 34.02 33.25
CA GLN C 57 -29.95 34.38 34.24
C GLN C 57 -29.43 35.34 35.25
N ILE C 58 -29.17 36.56 34.85
CA ILE C 58 -28.71 37.52 35.82
C ILE C 58 -29.91 38.21 36.53
N ASN C 59 -29.90 38.08 37.87
CA ASN C 59 -30.93 38.56 38.79
C ASN C 59 -31.28 40.05 38.91
N SER C 60 -32.55 40.35 38.68
CA SER C 60 -33.12 41.71 38.73
C SER C 60 -32.98 42.44 40.06
N ARG C 61 -32.69 41.70 41.13
CA ARG C 61 -32.55 42.32 42.45
C ARG C 61 -31.13 42.84 42.74
N TRP C 62 -30.10 42.05 42.46
CA TRP C 62 -28.75 42.50 42.77
C TRP C 62 -27.88 42.92 41.60
N TRP C 63 -28.20 42.45 40.39
CA TRP C 63 -27.35 42.70 39.24
C TRP C 63 -27.75 43.65 38.13
N CYS C 64 -28.91 43.42 37.52
CA CYS C 64 -29.37 44.33 36.48
C CYS C 64 -30.65 44.98 36.96
N ASN C 65 -31.14 45.94 36.17
CA ASN C 65 -32.33 46.66 36.54
C ASN C 65 -33.49 46.45 35.59
N ASP C 66 -34.68 46.40 36.15
CA ASP C 66 -35.87 46.21 35.36
C ASP C 66 -37.03 47.07 35.87
N GLY C 67 -36.68 48.11 36.66
CA GLY C 67 -37.63 49.07 37.26
C GLY C 67 -38.98 48.52 37.69
N ARG C 68 -38.97 47.38 38.35
CA ARG C 68 -40.20 46.71 38.75
C ARG C 68 -39.87 45.71 39.86
N THR C 69 -38.63 45.81 40.36
CA THR C 69 -38.21 44.89 41.40
C THR C 69 -37.73 45.63 42.66
N PRO C 70 -38.39 45.34 43.78
CA PRO C 70 -38.09 45.93 45.09
C PRO C 70 -36.69 45.72 45.68
N GLY C 71 -36.01 46.84 45.91
CA GLY C 71 -34.70 46.85 46.51
C GLY C 71 -33.60 46.70 45.50
N SER C 72 -33.91 46.96 44.24
CA SER C 72 -32.91 46.83 43.18
C SER C 72 -31.57 47.55 43.48
N ARG C 73 -30.52 46.77 43.78
CA ARG C 73 -29.21 47.37 44.03
C ARG C 73 -28.42 47.58 42.74
N ASN C 74 -28.82 46.89 41.67
CA ASN C 74 -28.20 46.98 40.34
C ASN C 74 -26.65 47.11 40.41
N LEU C 75 -26.00 46.07 40.94
CA LEU C 75 -24.55 46.09 41.07
C LEU C 75 -23.78 46.02 39.74
N CYS C 76 -24.38 45.42 38.71
CA CYS C 76 -23.72 45.36 37.41
C CYS C 76 -23.90 46.66 36.67
N ASN C 77 -24.83 47.48 37.16
CA ASN C 77 -25.10 48.78 36.58
C ASN C 77 -25.53 48.54 35.11
N ILE C 78 -26.68 47.89 34.94
CA ILE C 78 -27.16 47.58 33.60
C ILE C 78 -28.61 47.12 33.58
N PRO C 79 -29.38 47.61 32.62
CA PRO C 79 -30.78 47.20 32.54
C PRO C 79 -30.94 45.76 32.04
N CYS C 80 -31.73 44.99 32.78
CA CYS C 80 -31.99 43.60 32.46
C CYS C 80 -32.37 43.39 31.00
N SER C 81 -32.85 44.47 30.38
CA SER C 81 -33.25 44.46 28.98
C SER C 81 -32.06 44.20 28.04
N ALA C 82 -30.88 44.65 28.46
CA ALA C 82 -29.67 44.47 27.68
C ALA C 82 -29.17 43.04 27.79
N LEU C 83 -29.77 42.24 28.68
CA LEU C 83 -29.31 40.88 28.88
C LEU C 83 -30.08 39.84 28.07
N LEU C 84 -31.17 40.26 27.44
CA LEU C 84 -31.97 39.35 26.61
C LEU C 84 -31.59 39.52 25.13
N SER C 85 -30.40 40.06 24.91
CA SER C 85 -29.88 40.29 23.57
C SER C 85 -29.29 39.02 22.99
N SER C 86 -29.16 39.05 21.67
CA SER C 86 -28.55 37.95 20.90
C SER C 86 -26.97 38.03 21.07
N ASP C 87 -26.49 39.10 21.73
CA ASP C 87 -25.07 39.29 22.00
C ASP C 87 -24.73 39.02 23.47
N ILE C 88 -24.01 37.94 23.70
CA ILE C 88 -23.69 37.58 25.05
C ILE C 88 -22.65 38.46 25.66
N THR C 89 -22.35 39.58 25.02
CA THR C 89 -21.34 40.45 25.58
C THR C 89 -21.79 41.02 26.89
N ALA C 90 -22.94 41.69 26.84
CA ALA C 90 -23.54 42.37 27.99
C ALA C 90 -23.59 41.48 29.22
N SER C 91 -24.10 40.27 28.99
CA SER C 91 -24.24 39.28 30.04
C SER C 91 -22.87 38.86 30.54
N VAL C 92 -22.03 38.39 29.63
CA VAL C 92 -20.71 37.94 30.04
C VAL C 92 -20.01 38.91 31.00
N ASN C 93 -20.11 40.19 30.71
CA ASN C 93 -19.49 41.19 31.56
C ASN C 93 -19.99 41.11 32.97
N CYS C 94 -21.28 41.36 33.09
CA CYS C 94 -21.97 41.30 34.36
C CYS C 94 -21.56 39.99 35.06
N ALA C 95 -21.60 38.88 34.30
CA ALA C 95 -21.24 37.54 34.82
C ALA C 95 -19.88 37.54 35.39
N LYS C 96 -18.98 38.31 34.79
CA LYS C 96 -17.61 38.38 35.27
C LYS C 96 -17.61 39.16 36.57
N LYS C 97 -18.60 40.04 36.73
CA LYS C 97 -18.71 40.86 37.96
C LYS C 97 -19.14 40.06 39.18
N ILE C 98 -20.03 39.08 38.99
CA ILE C 98 -20.45 38.25 40.11
C ILE C 98 -19.20 37.52 40.60
N VAL C 99 -18.67 36.60 39.79
CA VAL C 99 -17.47 35.83 40.15
C VAL C 99 -16.41 36.84 40.55
N SER C 100 -16.23 36.99 41.84
CA SER C 100 -15.31 37.97 42.37
C SER C 100 -14.01 37.40 42.92
N ASP C 101 -14.19 36.43 43.79
CA ASP C 101 -13.09 35.77 44.49
C ASP C 101 -12.28 34.83 43.58
N GLY C 102 -12.82 33.62 43.42
CA GLY C 102 -12.20 32.55 42.63
C GLY C 102 -13.07 31.34 42.85
N ASN C 103 -14.14 31.60 43.61
CA ASN C 103 -15.20 30.65 43.99
C ASN C 103 -16.57 31.30 43.73
N GLY C 104 -16.48 32.43 43.02
CA GLY C 104 -17.68 33.14 42.68
C GLY C 104 -18.71 32.31 41.92
N MET C 105 -18.29 31.29 41.19
CA MET C 105 -19.24 30.49 40.41
C MET C 105 -20.40 29.86 41.15
N ASN C 106 -20.20 29.53 42.42
CA ASN C 106 -21.26 28.91 43.23
C ASN C 106 -22.61 29.65 43.14
N ALA C 107 -22.54 30.93 42.78
CA ALA C 107 -23.69 31.80 42.62
C ALA C 107 -24.74 31.21 41.69
N TRP C 108 -24.30 30.62 40.58
CA TRP C 108 -25.30 30.04 39.72
C TRP C 108 -25.85 28.77 40.34
N VAL C 109 -27.16 28.78 40.55
CA VAL C 109 -27.90 27.66 41.15
C VAL C 109 -27.63 26.39 40.34
N ALA C 110 -28.04 26.40 39.08
CA ALA C 110 -27.87 25.27 38.18
C ALA C 110 -26.42 24.74 38.10
N TRP C 111 -25.46 25.67 38.08
CA TRP C 111 -24.07 25.28 38.00
C TRP C 111 -23.71 24.49 39.23
N ARG C 112 -24.08 25.04 40.38
CA ARG C 112 -23.82 24.45 41.69
C ARG C 112 -24.60 23.12 41.89
N ASN C 113 -25.72 23.00 41.20
CA ASN C 113 -26.60 21.84 41.28
C ASN C 113 -26.30 20.72 40.29
N ARG C 114 -25.99 21.08 39.05
CA ARG C 114 -25.74 20.06 38.03
C ARG C 114 -24.53 20.36 37.20
N CYS C 115 -23.50 20.89 37.82
CA CYS C 115 -22.26 21.19 37.11
C CYS C 115 -21.04 20.98 37.99
N LYS C 116 -21.08 21.45 39.23
CA LYS C 116 -19.94 21.32 40.12
C LYS C 116 -19.64 19.84 40.27
N GLY C 117 -18.36 19.50 40.36
CA GLY C 117 -18.03 18.09 40.52
C GLY C 117 -18.50 17.08 39.48
N THR C 118 -18.64 17.52 38.23
CA THR C 118 -19.04 16.65 37.15
C THR C 118 -18.01 16.82 36.07
N ASP C 119 -18.08 16.00 35.02
CA ASP C 119 -17.15 16.18 33.95
C ASP C 119 -17.73 17.39 33.21
N VAL C 120 -17.33 18.61 33.59
CA VAL C 120 -17.84 19.82 32.93
C VAL C 120 -17.18 20.08 31.57
N GLN C 121 -16.04 19.44 31.38
CA GLN C 121 -15.24 19.55 30.18
C GLN C 121 -16.07 19.06 29.01
N ALA C 122 -16.73 17.94 29.22
CA ALA C 122 -17.56 17.30 28.23
C ALA C 122 -18.41 18.25 27.46
N TRP C 123 -18.66 19.41 28.02
CA TRP C 123 -19.47 20.37 27.35
C TRP C 123 -18.72 21.03 26.24
N ILE C 124 -17.42 21.24 26.42
CA ILE C 124 -16.60 21.84 25.40
C ILE C 124 -15.92 20.82 24.49
N ARG C 125 -15.91 19.55 24.90
CA ARG C 125 -15.27 18.53 24.08
C ARG C 125 -15.96 18.33 22.76
N GLY C 126 -15.18 18.39 21.69
CA GLY C 126 -15.75 18.23 20.38
C GLY C 126 -15.85 19.55 19.66
N CYS C 127 -15.66 20.66 20.37
CA CYS C 127 -15.72 21.97 19.73
C CYS C 127 -14.37 22.26 19.14
N ARG C 128 -14.35 22.93 18.00
CA ARG C 128 -13.07 23.27 17.42
C ARG C 128 -12.58 24.56 18.11
N LEU C 129 -11.65 24.38 19.04
CA LEU C 129 -11.06 25.51 19.77
C LEU C 129 -9.82 25.15 20.63
N ASP D 1 12.18 -17.33 -56.25
CA ASP D 1 13.40 -17.41 -55.40
C ASP D 1 14.01 -16.07 -54.93
N ILE D 2 13.89 -15.81 -53.63
CA ILE D 2 14.47 -14.60 -53.02
C ILE D 2 15.85 -14.96 -52.49
N GLN D 3 16.88 -14.31 -53.04
CA GLN D 3 18.25 -14.58 -52.59
C GLN D 3 18.77 -13.51 -51.64
N MET D 4 19.46 -13.95 -50.59
CA MET D 4 20.02 -13.06 -49.57
C MET D 4 21.45 -12.60 -49.91
N THR D 5 21.79 -11.36 -49.57
CA THR D 5 23.13 -10.82 -49.83
C THR D 5 23.70 -10.16 -48.57
N GLN D 6 24.54 -10.88 -47.85
CA GLN D 6 25.06 -10.36 -46.61
C GLN D 6 26.43 -9.72 -46.71
N SER D 7 26.54 -8.53 -46.15
CA SER D 7 27.80 -7.78 -46.11
C SER D 7 27.96 -7.12 -44.74
N PRO D 8 29.21 -7.02 -44.26
CA PRO D 8 30.46 -7.43 -44.89
C PRO D 8 30.71 -8.95 -44.73
N SER D 9 31.73 -9.45 -45.43
CA SER D 9 32.10 -10.88 -45.38
C SER D 9 32.77 -11.28 -44.05
N SER D 10 33.66 -10.44 -43.53
CA SER D 10 34.34 -10.68 -42.25
C SER D 10 34.57 -9.34 -41.56
N LEU D 11 34.67 -9.38 -40.24
CA LEU D 11 34.81 -8.17 -39.47
C LEU D 11 35.85 -8.25 -38.41
N SER D 12 36.81 -7.35 -38.46
CA SER D 12 37.83 -7.32 -37.42
C SER D 12 37.32 -6.21 -36.45
N ALA D 13 37.15 -6.50 -35.17
CA ALA D 13 36.66 -5.44 -34.28
C ALA D 13 37.08 -5.53 -32.80
N SER D 14 37.35 -4.37 -32.20
CA SER D 14 37.79 -4.28 -30.78
C SER D 14 36.63 -4.45 -29.78
N VAL D 15 36.91 -4.95 -28.56
CA VAL D 15 35.81 -5.12 -27.57
C VAL D 15 35.13 -3.79 -27.21
N GLY D 16 33.82 -3.85 -26.97
CA GLY D 16 33.07 -2.65 -26.65
C GLY D 16 32.51 -1.95 -27.89
N ASP D 17 33.10 -2.24 -29.06
CA ASP D 17 32.68 -1.62 -30.33
C ASP D 17 31.22 -1.91 -30.75
N ARG D 18 30.81 -1.23 -31.81
CA ARG D 18 29.48 -1.38 -32.36
C ARG D 18 29.65 -2.02 -33.73
N VAL D 19 29.34 -3.31 -33.82
CA VAL D 19 29.47 -4.04 -35.06
C VAL D 19 28.14 -4.06 -35.78
N THR D 20 28.15 -3.66 -37.04
CA THR D 20 26.94 -3.66 -37.81
C THR D 20 27.10 -4.59 -39.02
N ILE D 21 26.10 -5.45 -39.19
CA ILE D 21 26.01 -6.46 -40.26
C ILE D 21 24.66 -6.30 -40.98
N THR D 22 24.62 -6.44 -42.31
CA THR D 22 23.34 -6.32 -43.02
C THR D 22 23.00 -7.51 -43.93
N CYS D 23 21.76 -7.53 -44.42
CA CYS D 23 21.27 -8.57 -45.34
C CYS D 23 20.21 -8.00 -46.29
N ARG D 24 20.55 -7.90 -47.57
CA ARG D 24 19.62 -7.35 -48.53
C ARG D 24 18.89 -8.43 -49.28
N ALA D 25 17.61 -8.58 -48.95
CA ALA D 25 16.78 -9.55 -49.61
C ALA D 25 16.70 -9.14 -51.05
N SER D 26 16.58 -10.12 -51.93
CA SER D 26 16.51 -9.88 -53.37
C SER D 26 15.09 -9.49 -53.74
N GLY D 27 14.17 -9.80 -52.84
CA GLY D 27 12.77 -9.48 -53.05
C GLY D 27 12.18 -9.12 -51.70
N ASN D 28 10.91 -8.74 -51.65
CA ASN D 28 10.31 -8.37 -50.38
C ASN D 28 10.10 -9.61 -49.55
N ILE D 29 10.55 -9.58 -48.31
CA ILE D 29 10.36 -10.73 -47.48
C ILE D 29 9.38 -10.47 -46.35
N HIS D 30 8.92 -9.22 -46.30
CA HIS D 30 7.97 -8.75 -45.31
C HIS D 30 8.29 -9.02 -43.88
N ASN D 31 9.48 -8.61 -43.43
CA ASN D 31 9.90 -8.75 -42.04
C ASN D 31 10.11 -10.16 -41.47
N TYR D 32 9.97 -11.17 -42.33
CA TYR D 32 10.18 -12.57 -41.94
C TYR D 32 11.67 -12.83 -42.16
N LEU D 33 12.52 -12.39 -41.23
CA LEU D 33 13.97 -12.56 -41.35
C LEU D 33 14.59 -12.83 -40.00
N ALA D 34 15.44 -13.85 -39.92
CA ALA D 34 16.05 -14.21 -38.65
C ALA D 34 17.57 -14.17 -38.72
N TRP D 35 18.20 -13.98 -37.56
CA TRP D 35 19.66 -13.94 -37.51
C TRP D 35 20.13 -15.00 -36.53
N TYR D 36 21.12 -15.81 -36.93
CA TYR D 36 21.69 -16.89 -36.10
C TYR D 36 23.16 -16.60 -35.86
N GLN D 37 23.70 -17.26 -34.85
CA GLN D 37 25.10 -17.10 -34.47
C GLN D 37 25.76 -18.45 -34.55
N GLN D 38 26.97 -18.52 -35.07
CA GLN D 38 27.60 -19.82 -35.14
C GLN D 38 29.04 -19.86 -34.72
N LYS D 39 29.26 -20.24 -33.49
CA LYS D 39 30.61 -20.31 -32.99
C LYS D 39 31.31 -21.50 -33.63
N PRO D 40 32.64 -21.43 -33.72
CA PRO D 40 33.44 -22.51 -34.31
C PRO D 40 33.11 -23.82 -33.63
N GLY D 41 32.80 -24.84 -34.44
CA GLY D 41 32.50 -26.14 -33.88
C GLY D 41 31.05 -26.49 -33.57
N LYS D 42 30.10 -25.62 -33.91
CA LYS D 42 28.72 -25.95 -33.57
C LYS D 42 27.54 -25.44 -34.39
N ALA D 43 26.39 -26.01 -34.06
CA ALA D 43 25.12 -25.69 -34.70
C ALA D 43 24.78 -24.24 -34.54
N PRO D 44 24.18 -23.63 -35.58
CA PRO D 44 23.80 -22.23 -35.51
C PRO D 44 22.76 -22.14 -34.43
N LYS D 45 22.82 -21.04 -33.67
CA LYS D 45 21.91 -20.74 -32.54
C LYS D 45 21.05 -19.54 -32.94
N LEU D 46 19.74 -19.57 -32.64
CA LEU D 46 18.86 -18.45 -32.99
C LEU D 46 19.08 -17.23 -32.09
N LEU D 47 19.20 -16.06 -32.68
CA LEU D 47 19.40 -14.86 -31.93
C LEU D 47 18.13 -14.01 -31.98
N ILE D 48 17.61 -13.89 -33.18
CA ILE D 48 16.46 -13.05 -33.44
C ILE D 48 15.60 -13.64 -34.53
N TYR D 49 14.34 -13.20 -34.55
CA TYR D 49 13.39 -13.57 -35.58
C TYR D 49 12.46 -12.41 -35.85
N TYR D 50 11.61 -12.59 -36.84
CA TYR D 50 10.70 -11.56 -37.27
C TYR D 50 11.32 -10.17 -37.25
N THR D 51 12.55 -10.09 -37.73
CA THR D 51 13.33 -8.85 -37.84
C THR D 51 13.86 -8.19 -36.57
N THR D 52 13.00 -8.02 -35.58
CA THR D 52 13.38 -7.33 -34.37
C THR D 52 13.28 -8.09 -33.05
N THR D 53 12.57 -9.21 -33.05
CA THR D 53 12.39 -9.98 -31.85
C THR D 53 13.58 -10.86 -31.51
N LEU D 54 13.77 -11.20 -30.24
CA LEU D 54 14.88 -12.08 -29.90
C LEU D 54 14.63 -13.20 -28.95
N ALA D 55 15.23 -14.31 -29.32
CA ALA D 55 15.11 -15.53 -28.57
C ALA D 55 15.49 -15.28 -27.15
N ASP D 56 15.09 -16.22 -26.32
CA ASP D 56 15.39 -16.17 -24.91
C ASP D 56 16.90 -16.14 -24.75
N GLY D 57 17.33 -16.00 -23.50
CA GLY D 57 18.75 -15.97 -23.15
C GLY D 57 19.67 -15.12 -24.00
N VAL D 58 19.13 -14.49 -25.03
CA VAL D 58 19.96 -13.66 -25.89
C VAL D 58 20.20 -12.32 -25.19
N PRO D 59 21.47 -11.98 -24.91
CA PRO D 59 21.78 -10.69 -24.26
C PRO D 59 21.47 -9.44 -25.16
N SER D 60 20.88 -8.43 -24.53
CA SER D 60 20.46 -7.18 -25.18
C SER D 60 21.36 -6.45 -26.20
N ARG D 61 22.66 -6.71 -26.20
CA ARG D 61 23.58 -6.07 -27.16
C ARG D 61 23.02 -6.27 -28.58
N PHE D 62 22.40 -7.43 -28.76
CA PHE D 62 21.79 -7.83 -30.02
C PHE D 62 20.50 -7.08 -30.28
N SER D 63 20.52 -6.30 -31.35
CA SER D 63 19.37 -5.52 -31.76
C SER D 63 18.82 -6.05 -33.08
N GLY D 64 19.26 -5.48 -34.18
CA GLY D 64 18.75 -5.95 -35.45
C GLY D 64 17.37 -5.36 -35.72
N SER D 65 17.31 -4.49 -36.70
CA SER D 65 16.09 -3.83 -37.14
C SER D 65 15.96 -4.11 -38.64
N GLY D 66 15.45 -3.13 -39.39
CA GLY D 66 15.28 -3.28 -40.82
C GLY D 66 13.86 -3.64 -41.26
N SER D 67 13.61 -3.57 -42.56
CA SER D 67 12.30 -3.90 -43.11
C SER D 67 12.27 -3.84 -44.65
N GLY D 68 11.23 -4.44 -45.22
CA GLY D 68 11.10 -4.48 -46.66
C GLY D 68 12.22 -5.38 -47.17
N THR D 69 13.08 -4.85 -48.01
CA THR D 69 14.19 -5.66 -48.52
C THR D 69 15.45 -5.61 -47.66
N ASP D 70 15.68 -4.45 -47.04
CA ASP D 70 16.89 -4.21 -46.25
C ASP D 70 16.82 -4.33 -44.74
N TYR D 71 17.38 -5.45 -44.25
CA TYR D 71 17.42 -5.75 -42.82
C TYR D 71 18.81 -5.47 -42.30
N THR D 72 18.97 -5.46 -40.98
CA THR D 72 20.25 -5.18 -40.36
C THR D 72 20.30 -5.68 -38.91
N PHE D 73 21.49 -6.03 -38.47
CA PHE D 73 21.70 -6.58 -37.16
C PHE D 73 22.88 -5.87 -36.57
N THR D 74 22.80 -5.52 -35.29
CA THR D 74 23.91 -4.82 -34.67
C THR D 74 24.33 -5.35 -33.30
N ILE D 75 25.61 -5.20 -33.01
CA ILE D 75 26.18 -5.55 -31.73
C ILE D 75 26.65 -4.21 -31.19
N SER D 76 25.93 -3.67 -30.21
CA SER D 76 26.25 -2.38 -29.59
C SER D 76 27.65 -2.31 -29.02
N SER D 77 28.01 -3.27 -28.17
CA SER D 77 29.32 -3.34 -27.56
C SER D 77 29.86 -4.72 -27.84
N LEU D 78 30.71 -4.84 -28.86
CA LEU D 78 31.28 -6.13 -29.20
C LEU D 78 31.96 -6.76 -27.99
N GLN D 79 31.89 -8.08 -27.92
CA GLN D 79 32.46 -8.77 -26.79
C GLN D 79 33.09 -10.11 -27.13
N PRO D 80 33.87 -10.66 -26.19
CA PRO D 80 34.56 -11.94 -26.29
C PRO D 80 33.59 -13.06 -26.69
N GLU D 81 32.65 -13.38 -25.80
CA GLU D 81 31.65 -14.43 -26.07
C GLU D 81 30.77 -14.21 -27.32
N ASP D 82 31.12 -13.21 -28.13
CA ASP D 82 30.38 -12.87 -29.32
C ASP D 82 31.19 -13.11 -30.58
N ILE D 83 32.28 -13.84 -30.48
CA ILE D 83 33.14 -14.13 -31.64
C ILE D 83 32.60 -15.33 -32.39
N ALA D 84 32.17 -15.10 -33.64
CA ALA D 84 31.61 -16.14 -34.49
C ALA D 84 31.17 -15.63 -35.88
N THR D 85 30.42 -16.46 -36.59
CA THR D 85 29.89 -16.09 -37.90
C THR D 85 28.38 -15.87 -37.73
N TYR D 86 27.87 -14.80 -38.33
CA TYR D 86 26.47 -14.48 -38.21
C TYR D 86 25.69 -14.64 -39.50
N TYR D 87 24.66 -15.46 -39.40
CA TYR D 87 23.86 -15.79 -40.54
C TYR D 87 22.46 -15.25 -40.52
N CYS D 88 22.00 -14.77 -41.66
CA CYS D 88 20.63 -14.32 -41.73
C CYS D 88 19.93 -15.31 -42.65
N GLN D 89 18.61 -15.24 -42.67
CA GLN D 89 17.83 -16.15 -43.47
C GLN D 89 16.43 -15.68 -43.61
N HIS D 90 15.91 -15.62 -44.81
CA HIS D 90 14.54 -15.19 -44.93
C HIS D 90 13.58 -16.37 -44.71
N PHE D 91 12.31 -16.09 -44.42
CA PHE D 91 11.26 -17.08 -44.20
C PHE D 91 9.98 -16.76 -44.98
N TRP D 92 10.10 -15.95 -46.02
CA TRP D 92 8.95 -15.59 -46.81
C TRP D 92 8.72 -16.67 -47.87
N SER D 93 7.72 -17.51 -47.68
CA SER D 93 7.44 -18.59 -48.61
C SER D 93 8.61 -19.57 -48.61
N THR D 94 8.81 -20.26 -49.74
CA THR D 94 9.90 -21.20 -49.91
C THR D 94 10.32 -21.00 -51.35
N PRO D 95 11.56 -21.37 -51.70
CA PRO D 95 12.54 -21.90 -50.76
C PRO D 95 13.15 -20.75 -50.00
N ARG D 96 13.61 -21.02 -48.78
CA ARG D 96 14.27 -20.00 -47.98
C ARG D 96 15.77 -20.06 -48.22
N THR D 97 16.37 -18.89 -48.26
CA THR D 97 17.78 -18.71 -48.52
C THR D 97 18.54 -18.11 -47.34
N PHE D 98 19.72 -18.64 -47.04
CA PHE D 98 20.53 -18.10 -45.97
C PHE D 98 21.37 -17.00 -46.57
N GLY D 99 21.72 -16.03 -45.74
CA GLY D 99 22.58 -14.97 -46.22
C GLY D 99 23.93 -15.64 -46.16
N GLN D 100 24.88 -15.01 -46.82
CA GLN D 100 26.21 -15.54 -46.89
C GLN D 100 27.01 -15.63 -45.55
N GLY D 101 26.48 -15.06 -44.48
CA GLY D 101 27.18 -15.12 -43.19
C GLY D 101 28.37 -14.18 -43.01
N THR D 102 28.45 -13.52 -41.85
CA THR D 102 29.54 -12.58 -41.54
C THR D 102 30.41 -13.10 -40.42
N LYS D 103 31.72 -13.16 -40.66
CA LYS D 103 32.69 -13.66 -39.67
C LYS D 103 33.23 -12.55 -38.78
N VAL D 104 32.73 -12.48 -37.56
CA VAL D 104 33.19 -11.45 -36.63
C VAL D 104 34.36 -11.92 -35.76
N GLU D 105 35.49 -11.20 -35.87
CA GLU D 105 36.68 -11.53 -35.08
C GLU D 105 37.20 -10.42 -34.18
N ILE D 106 37.69 -10.79 -33.00
CA ILE D 106 38.21 -9.82 -32.05
C ILE D 106 39.35 -9.05 -32.69
N LYS D 107 39.48 -7.78 -32.33
CA LYS D 107 40.55 -6.96 -32.90
C LYS D 107 41.90 -7.17 -32.24
N ARG D 108 42.85 -7.48 -33.14
CA ARG D 108 44.26 -7.72 -32.89
C ARG D 108 44.59 -9.16 -32.44
N GLN E 1 13.77 -30.94 -23.01
CA GLN E 1 13.95 -32.33 -23.53
C GLN E 1 13.67 -32.39 -25.03
N VAL E 2 13.71 -31.22 -25.68
CA VAL E 2 13.51 -31.17 -27.12
C VAL E 2 14.85 -31.44 -27.74
N GLN E 3 14.87 -32.40 -28.65
CA GLN E 3 16.11 -32.69 -29.29
C GLN E 3 16.02 -33.44 -30.58
N LEU E 4 16.92 -33.04 -31.46
CA LEU E 4 17.04 -33.60 -32.79
C LEU E 4 18.47 -34.12 -32.86
N GLN E 5 18.59 -35.32 -33.41
CA GLN E 5 19.85 -36.05 -33.52
C GLN E 5 19.96 -36.65 -34.91
N GLU E 6 20.83 -36.10 -35.75
CA GLU E 6 20.99 -36.64 -37.10
C GLU E 6 21.96 -37.79 -37.02
N SER E 7 21.78 -38.76 -37.91
CA SER E 7 22.63 -39.95 -37.93
C SER E 7 22.79 -40.49 -39.36
N GLY E 8 23.92 -41.14 -39.61
CA GLY E 8 24.18 -41.70 -40.93
C GLY E 8 25.60 -42.19 -41.15
N PRO E 9 25.99 -42.42 -42.43
CA PRO E 9 27.32 -42.90 -42.86
C PRO E 9 28.23 -41.70 -42.87
N GLY E 10 29.53 -41.91 -42.88
CA GLY E 10 30.41 -40.76 -42.91
C GLY E 10 30.98 -40.65 -44.29
N LEU E 11 31.25 -41.82 -44.85
CA LEU E 11 31.83 -41.98 -46.15
C LEU E 11 30.84 -42.48 -47.19
N VAL E 12 30.51 -41.65 -48.15
CA VAL E 12 29.61 -42.08 -49.22
C VAL E 12 30.49 -42.01 -50.49
N ARG E 13 30.20 -42.92 -51.43
CA ARG E 13 30.91 -43.02 -52.73
C ARG E 13 30.07 -42.35 -53.78
N PRO E 14 30.72 -41.65 -54.68
CA PRO E 14 30.01 -40.94 -55.75
C PRO E 14 28.95 -41.77 -56.44
N SER E 15 28.08 -41.09 -57.16
CA SER E 15 26.98 -41.71 -57.89
C SER E 15 26.05 -42.51 -56.97
N GLN E 16 26.46 -42.69 -55.73
CA GLN E 16 25.62 -43.40 -54.79
C GLN E 16 24.72 -42.44 -54.06
N THR E 17 23.78 -43.00 -53.29
CA THR E 17 22.86 -42.17 -52.57
C THR E 17 23.09 -42.21 -51.10
N LEU E 18 23.42 -41.05 -50.55
CA LEU E 18 23.63 -40.92 -49.14
C LEU E 18 22.25 -40.85 -48.57
N SER E 19 22.10 -41.39 -47.38
CA SER E 19 20.80 -41.37 -46.74
C SER E 19 20.98 -41.30 -45.23
N LEU E 20 20.42 -40.27 -44.62
CA LEU E 20 20.57 -40.13 -43.19
C LEU E 20 19.25 -39.84 -42.51
N THR E 21 19.21 -40.28 -41.26
CA THR E 21 18.07 -40.19 -40.38
C THR E 21 18.26 -39.17 -39.27
N CYS E 22 17.20 -38.41 -38.97
CA CYS E 22 17.22 -37.44 -37.88
C CYS E 22 16.24 -37.85 -36.78
N THR E 23 16.73 -38.13 -35.58
CA THR E 23 15.83 -38.57 -34.51
C THR E 23 15.46 -37.49 -33.51
N VAL E 24 14.24 -36.98 -33.64
CA VAL E 24 13.72 -35.92 -32.80
C VAL E 24 13.14 -36.54 -31.57
N SER E 25 12.91 -35.72 -30.56
CA SER E 25 12.31 -36.19 -29.31
C SER E 25 11.81 -35.00 -28.53
N GLY E 26 10.76 -35.24 -27.77
CA GLY E 26 10.21 -34.19 -26.96
C GLY E 26 9.43 -33.16 -27.73
N PHE E 27 8.73 -33.57 -28.80
CA PHE E 27 7.90 -32.66 -29.62
C PHE E 27 7.18 -33.48 -30.67
N SER E 28 6.04 -33.00 -31.17
CA SER E 28 5.31 -33.77 -32.17
C SER E 28 5.71 -33.48 -33.57
N LEU E 29 5.76 -34.55 -34.36
CA LEU E 29 6.17 -34.48 -35.75
C LEU E 29 5.02 -33.99 -36.56
N THR E 30 3.86 -33.92 -35.92
CA THR E 30 2.66 -33.42 -36.58
C THR E 30 2.34 -31.99 -36.10
N GLY E 31 3.13 -31.50 -35.15
CA GLY E 31 2.91 -30.16 -34.66
C GLY E 31 3.93 -29.20 -35.23
N TYR E 32 5.10 -29.71 -35.55
CA TYR E 32 6.13 -28.88 -36.11
C TYR E 32 6.70 -29.45 -37.40
N GLY E 33 7.16 -28.53 -38.25
CA GLY E 33 7.78 -28.97 -39.48
C GLY E 33 9.26 -29.17 -39.18
N VAL E 34 10.00 -29.76 -40.10
CA VAL E 34 11.43 -29.96 -39.88
C VAL E 34 12.22 -29.64 -41.16
N ASN E 35 13.37 -29.01 -40.96
CA ASN E 35 14.26 -28.57 -42.04
C ASN E 35 15.55 -29.34 -42.05
N TRP E 36 16.20 -29.33 -43.19
CA TRP E 36 17.47 -29.97 -43.30
C TRP E 36 18.34 -28.89 -43.86
N VAL E 37 19.45 -28.62 -43.20
CA VAL E 37 20.36 -27.60 -43.71
C VAL E 37 21.76 -28.17 -43.55
N ARG E 38 22.65 -27.88 -44.50
CA ARG E 38 23.99 -28.42 -44.44
C ARG E 38 24.96 -27.30 -44.60
N GLN E 39 26.19 -27.61 -44.26
CA GLN E 39 27.25 -26.65 -44.36
C GLN E 39 28.52 -27.31 -44.86
N PRO E 40 28.91 -27.05 -46.14
CA PRO E 40 30.12 -27.62 -46.74
C PRO E 40 31.29 -27.14 -45.89
N PRO E 41 32.33 -27.99 -45.67
CA PRO E 41 33.48 -27.61 -44.84
C PRO E 41 34.10 -26.26 -45.17
N GLY E 42 34.18 -25.42 -44.14
CA GLY E 42 34.70 -24.08 -44.30
C GLY E 42 33.86 -23.20 -45.24
N ARG E 43 32.65 -23.63 -45.64
CA ARG E 43 31.86 -22.82 -46.60
C ARG E 43 30.52 -22.09 -46.30
N GLY E 44 29.86 -22.31 -45.15
CA GLY E 44 28.59 -21.62 -44.90
C GLY E 44 27.31 -22.45 -44.82
N LEU E 45 26.17 -21.84 -44.50
CA LEU E 45 24.91 -22.58 -44.37
C LEU E 45 24.11 -22.65 -45.68
N GLU E 46 23.51 -23.82 -45.95
CA GLU E 46 22.73 -24.07 -47.17
C GLU E 46 21.43 -24.85 -46.84
N TRP E 47 20.30 -24.34 -47.32
CA TRP E 47 18.98 -24.93 -47.05
C TRP E 47 18.58 -26.00 -48.02
N ILE E 48 18.34 -27.20 -47.53
CA ILE E 48 17.97 -28.29 -48.40
C ILE E 48 16.45 -28.33 -48.67
N GLY E 49 15.67 -28.43 -47.61
CA GLY E 49 14.22 -28.47 -47.70
C GLY E 49 13.55 -28.65 -46.34
N MET E 50 12.26 -28.89 -46.33
CA MET E 50 11.57 -29.03 -45.07
C MET E 50 10.37 -29.91 -45.21
N ILE E 51 9.95 -30.51 -44.11
CA ILE E 51 8.77 -31.32 -44.17
C ILE E 51 7.81 -30.78 -43.12
N TRP E 52 6.84 -29.97 -43.54
CA TRP E 52 5.88 -29.39 -42.61
C TRP E 52 5.23 -30.46 -41.76
N GLY E 53 4.64 -30.04 -40.65
CA GLY E 53 3.99 -31.00 -39.79
C GLY E 53 2.90 -31.77 -40.52
N ASP E 54 2.31 -31.14 -41.53
CA ASP E 54 1.24 -31.75 -42.31
C ASP E 54 1.71 -32.65 -43.46
N GLY E 55 2.95 -33.09 -43.42
CA GLY E 55 3.49 -33.96 -44.46
C GLY E 55 3.89 -33.28 -45.75
N ASN E 56 3.44 -32.05 -45.94
CA ASN E 56 3.80 -31.33 -47.16
C ASN E 56 5.29 -31.04 -47.16
N THR E 57 5.89 -31.12 -48.33
CA THR E 57 7.31 -30.88 -48.46
C THR E 57 7.61 -29.69 -49.36
N ASP E 58 8.77 -29.07 -49.14
CA ASP E 58 9.25 -27.93 -49.93
C ASP E 58 10.77 -28.04 -49.99
N TYR E 59 11.28 -28.33 -51.18
CA TYR E 59 12.71 -28.51 -51.43
C TYR E 59 13.32 -27.27 -52.00
N ASN E 60 14.65 -27.23 -51.96
CA ASN E 60 15.33 -26.09 -52.55
C ASN E 60 15.21 -26.31 -54.03
N SER E 61 15.37 -25.25 -54.80
CA SER E 61 15.25 -25.37 -56.23
C SER E 61 16.32 -26.24 -56.87
N ALA E 62 17.59 -25.93 -56.62
CA ALA E 62 18.68 -26.73 -57.20
C ALA E 62 18.54 -28.22 -56.88
N LEU E 63 18.70 -28.59 -55.63
CA LEU E 63 18.63 -29.97 -55.19
C LEU E 63 17.24 -30.63 -55.34
N LYS E 64 16.24 -29.89 -55.80
CA LYS E 64 14.88 -30.44 -55.90
C LYS E 64 14.80 -31.83 -56.56
N SER E 65 15.40 -31.96 -57.75
CA SER E 65 15.41 -33.21 -58.52
C SER E 65 15.99 -34.47 -57.85
N ARG E 66 16.83 -34.32 -56.83
CA ARG E 66 17.38 -35.50 -56.22
C ARG E 66 17.32 -35.65 -54.71
N VAL E 67 16.57 -34.79 -54.03
CA VAL E 67 16.43 -34.94 -52.56
C VAL E 67 15.06 -35.51 -52.19
N THR E 68 14.97 -36.10 -51.00
CA THR E 68 13.74 -36.69 -50.56
C THR E 68 13.63 -36.72 -49.06
N MET E 69 12.53 -36.19 -48.54
CA MET E 69 12.28 -36.18 -47.12
C MET E 69 11.13 -37.08 -46.75
N LEU E 70 11.32 -37.86 -45.68
CA LEU E 70 10.32 -38.79 -45.19
C LEU E 70 10.10 -38.55 -43.73
N LYS E 71 8.89 -38.85 -43.26
CA LYS E 71 8.54 -38.69 -41.86
C LYS E 71 8.07 -40.06 -41.43
N ASP E 72 8.49 -40.48 -40.25
CA ASP E 72 8.06 -41.78 -39.76
C ASP E 72 7.63 -41.61 -38.35
N THR E 73 6.33 -41.49 -38.16
CA THR E 73 5.83 -41.32 -36.79
C THR E 73 6.01 -42.59 -35.94
N SER E 74 6.31 -43.72 -36.59
CA SER E 74 6.49 -45.01 -35.90
C SER E 74 7.70 -45.03 -34.95
N LYS E 75 8.67 -44.13 -35.14
CA LYS E 75 9.85 -44.04 -34.27
C LYS E 75 10.44 -42.65 -34.17
N ASN E 76 9.56 -41.67 -34.42
CA ASN E 76 9.89 -40.26 -34.30
C ASN E 76 11.07 -39.80 -35.07
N GLN E 77 10.99 -39.90 -36.37
CA GLN E 77 12.11 -39.47 -37.17
C GLN E 77 11.79 -39.20 -38.60
N PHE E 78 12.47 -38.19 -39.10
CA PHE E 78 12.35 -37.75 -40.47
C PHE E 78 13.54 -38.34 -41.23
N SER E 79 13.44 -38.36 -42.55
CA SER E 79 14.48 -38.91 -43.40
C SER E 79 14.79 -38.11 -44.65
N LEU E 80 16.08 -37.92 -44.92
CA LEU E 80 16.56 -37.17 -46.09
C LEU E 80 17.29 -38.19 -46.93
N ARG E 81 17.19 -38.06 -48.23
CA ARG E 81 17.90 -38.97 -49.11
C ARG E 81 18.38 -38.16 -50.33
N LEU E 82 19.66 -37.84 -50.35
CA LEU E 82 20.21 -37.08 -51.47
C LEU E 82 20.97 -38.05 -52.35
N SER E 83 20.50 -38.14 -53.58
CA SER E 83 21.04 -39.04 -54.60
C SER E 83 22.08 -38.48 -55.57
N SER E 84 22.68 -39.40 -56.32
CA SER E 84 23.72 -39.08 -57.31
C SER E 84 24.76 -38.24 -56.62
N VAL E 85 25.09 -38.64 -55.41
CA VAL E 85 26.04 -37.91 -54.62
C VAL E 85 27.33 -37.55 -55.32
N THR E 86 27.59 -36.24 -55.42
CA THR E 86 28.82 -35.68 -55.98
C THR E 86 29.77 -35.36 -54.83
N ALA E 87 30.85 -34.65 -55.14
CA ALA E 87 31.84 -34.26 -54.15
C ALA E 87 31.47 -32.91 -53.55
N ALA E 88 30.42 -32.33 -54.08
CA ALA E 88 29.95 -31.06 -53.59
C ALA E 88 28.96 -31.34 -52.49
N ASP E 89 28.62 -32.60 -52.34
CA ASP E 89 27.69 -32.99 -51.31
C ASP E 89 28.32 -33.31 -49.96
N THR E 90 29.61 -33.05 -49.82
CA THR E 90 30.27 -33.30 -48.54
C THR E 90 30.09 -32.03 -47.71
N ALA E 91 29.44 -32.19 -46.58
CA ALA E 91 29.17 -31.08 -45.73
C ALA E 91 28.60 -31.67 -44.44
N VAL E 92 28.45 -30.83 -43.43
CA VAL E 92 27.88 -31.28 -42.17
C VAL E 92 26.37 -31.10 -42.38
N TYR E 93 25.60 -32.14 -42.16
CA TYR E 93 24.14 -32.09 -42.33
C TYR E 93 23.47 -31.80 -41.03
N TYR E 94 22.64 -30.79 -41.03
CA TYR E 94 21.89 -30.39 -39.86
C TYR E 94 20.42 -30.61 -40.00
N CYS E 95 19.85 -31.01 -38.90
CA CYS E 95 18.44 -31.28 -38.80
C CYS E 95 17.97 -30.20 -37.83
N ALA E 96 16.92 -29.47 -38.16
CA ALA E 96 16.47 -28.38 -37.30
C ALA E 96 14.96 -28.33 -37.24
N ARG E 97 14.42 -27.92 -36.09
CA ARG E 97 12.97 -27.83 -35.91
C ARG E 97 12.53 -26.46 -36.35
N GLU E 98 11.38 -26.39 -37.01
CA GLU E 98 10.85 -25.11 -37.42
C GLU E 98 9.63 -24.84 -36.61
N ARG E 99 9.65 -23.69 -35.97
CA ARG E 99 8.59 -23.26 -35.10
C ARG E 99 8.20 -21.90 -35.53
N ASP E 100 7.08 -21.80 -36.22
CA ASP E 100 6.55 -20.53 -36.66
C ASP E 100 7.58 -19.65 -37.38
N TYR E 101 8.21 -20.19 -38.40
CA TYR E 101 9.15 -19.42 -39.20
C TYR E 101 10.43 -18.94 -38.55
N ARG E 102 11.00 -19.81 -37.73
CA ARG E 102 12.26 -19.59 -37.06
C ARG E 102 12.77 -20.99 -36.73
N LEU E 103 14.03 -21.28 -36.99
CA LEU E 103 14.59 -22.60 -36.69
C LEU E 103 15.07 -22.55 -35.26
N ASP E 104 14.21 -23.01 -34.36
CA ASP E 104 14.53 -22.95 -32.96
C ASP E 104 15.42 -24.02 -32.37
N TYR E 105 15.37 -25.23 -32.92
CA TYR E 105 16.20 -26.31 -32.42
C TYR E 105 16.95 -27.04 -33.52
N TRP E 106 18.26 -27.07 -33.36
CA TRP E 106 19.17 -27.67 -34.32
C TRP E 106 19.85 -28.91 -33.76
N GLY E 107 20.15 -29.87 -34.62
CA GLY E 107 20.84 -31.04 -34.13
C GLY E 107 22.29 -30.67 -33.92
N GLN E 108 23.07 -31.64 -33.46
CA GLN E 108 24.52 -31.52 -33.22
C GLN E 108 25.32 -31.45 -34.54
N GLY E 109 24.69 -31.89 -35.64
CA GLY E 109 25.33 -31.88 -36.95
C GLY E 109 25.99 -33.20 -37.28
N SER E 110 26.15 -33.48 -38.58
CA SER E 110 26.80 -34.73 -39.03
C SER E 110 27.63 -34.57 -40.31
N LEU E 111 28.84 -35.09 -40.29
CA LEU E 111 29.73 -34.99 -41.45
C LEU E 111 29.51 -36.11 -42.46
N VAL E 112 29.27 -35.72 -43.71
CA VAL E 112 29.17 -36.73 -44.75
C VAL E 112 30.19 -36.42 -45.82
N THR E 113 31.07 -37.38 -46.02
CA THR E 113 32.11 -37.20 -46.99
C THR E 113 32.04 -38.22 -48.11
N VAL E 114 31.87 -37.70 -49.34
CA VAL E 114 31.81 -38.52 -50.53
C VAL E 114 33.23 -38.52 -51.09
N SER E 115 33.84 -39.70 -51.10
CA SER E 115 35.22 -39.82 -51.54
C SER E 115 35.48 -40.85 -52.60
N SER E 116 36.75 -40.92 -53.00
CA SER E 116 37.28 -41.82 -54.00
C SER E 116 38.75 -41.44 -54.18
N LYS F 1 -21.45 -10.71 -40.56
CA LYS F 1 -20.59 -10.21 -41.66
C LYS F 1 -19.43 -11.14 -41.95
N VAL F 2 -19.47 -11.81 -43.09
CA VAL F 2 -18.39 -12.71 -43.45
C VAL F 2 -17.25 -11.93 -44.06
N PHE F 3 -16.12 -11.98 -43.39
CA PHE F 3 -14.91 -11.28 -43.81
C PHE F 3 -14.22 -11.95 -45.02
N GLY F 4 -13.26 -11.21 -45.55
CA GLY F 4 -12.42 -11.67 -46.65
C GLY F 4 -11.01 -11.88 -46.08
N ARG F 5 -10.44 -13.07 -46.26
CA ARG F 5 -9.12 -13.42 -45.79
C ARG F 5 -8.14 -12.26 -45.55
N CYS F 6 -7.96 -11.43 -46.58
CA CYS F 6 -7.05 -10.29 -46.48
C CYS F 6 -7.67 -9.10 -45.71
N GLU F 7 -9.00 -9.05 -45.74
CA GLU F 7 -9.72 -8.00 -45.05
C GLU F 7 -9.47 -8.12 -43.54
N LEU F 8 -9.66 -9.33 -43.04
CA LEU F 8 -9.48 -9.58 -41.63
C LEU F 8 -8.02 -9.48 -41.22
N ALA F 9 -7.12 -9.98 -42.05
CA ALA F 9 -5.70 -9.93 -41.73
C ALA F 9 -5.29 -8.49 -41.56
N ALA F 10 -5.87 -7.62 -42.39
CA ALA F 10 -5.58 -6.21 -42.31
C ALA F 10 -6.16 -5.78 -40.98
N ALA F 11 -7.30 -6.37 -40.61
CA ALA F 11 -7.96 -6.03 -39.35
C ALA F 11 -7.12 -6.40 -38.15
N MET F 12 -6.90 -7.69 -37.97
CA MET F 12 -6.11 -8.17 -36.86
C MET F 12 -4.77 -7.50 -36.83
N LYS F 13 -4.19 -7.27 -37.99
CA LYS F 13 -2.88 -6.63 -38.06
C LYS F 13 -2.90 -5.31 -37.37
N ARG F 14 -3.93 -4.54 -37.71
CA ARG F 14 -4.15 -3.21 -37.18
C ARG F 14 -4.29 -3.30 -35.68
N HIS F 15 -5.05 -4.30 -35.23
CA HIS F 15 -5.25 -4.51 -33.83
C HIS F 15 -4.10 -5.28 -33.17
N GLY F 16 -2.87 -4.95 -33.55
CA GLY F 16 -1.68 -5.58 -32.99
C GLY F 16 -1.65 -7.07 -32.68
N LEU F 17 -2.14 -7.89 -33.60
CA LEU F 17 -2.13 -9.34 -33.38
C LEU F 17 -0.91 -9.98 -34.04
N ASP F 18 -0.30 -9.26 -34.99
CA ASP F 18 0.90 -9.72 -35.70
C ASP F 18 2.07 -9.88 -34.72
N ASN F 19 2.48 -11.11 -34.50
CA ASN F 19 3.61 -11.44 -33.63
C ASN F 19 3.26 -11.24 -32.19
N TYR F 20 1.98 -11.11 -31.93
CA TYR F 20 1.57 -10.95 -30.57
C TYR F 20 1.97 -12.22 -29.84
N ARG F 21 2.89 -12.09 -28.88
CA ARG F 21 3.39 -13.22 -28.08
C ARG F 21 4.34 -14.18 -28.76
N GLY F 22 4.63 -13.99 -30.04
CA GLY F 22 5.52 -14.90 -30.74
C GLY F 22 4.79 -15.41 -31.95
N TYR F 23 3.47 -15.48 -31.84
CA TYR F 23 2.60 -15.93 -32.92
C TYR F 23 2.48 -14.96 -34.09
N SER F 24 2.97 -15.36 -35.26
CA SER F 24 2.91 -14.52 -36.46
C SER F 24 1.47 -14.28 -36.92
N LEU F 25 1.32 -13.26 -37.76
CA LEU F 25 0.01 -12.90 -38.25
C LEU F 25 -0.85 -14.07 -38.69
N GLY F 26 -0.41 -14.78 -39.70
CA GLY F 26 -1.20 -15.89 -40.22
C GLY F 26 -1.82 -16.88 -39.24
N ASN F 27 -1.30 -16.99 -38.02
CA ASN F 27 -1.89 -17.96 -37.12
C ASN F 27 -3.32 -17.57 -36.78
N TRP F 28 -3.50 -16.26 -36.59
CA TRP F 28 -4.78 -15.70 -36.22
C TRP F 28 -5.80 -15.80 -37.35
N VAL F 29 -5.43 -15.41 -38.57
CA VAL F 29 -6.32 -15.48 -39.73
C VAL F 29 -6.75 -16.93 -39.98
N CYS F 30 -5.86 -17.85 -39.67
CA CYS F 30 -6.14 -19.26 -39.85
C CYS F 30 -7.21 -19.59 -38.83
N ALA F 31 -6.88 -19.48 -37.55
CA ALA F 31 -7.85 -19.80 -36.50
C ALA F 31 -9.28 -19.31 -36.76
N ALA F 32 -9.44 -18.09 -37.27
CA ALA F 32 -10.77 -17.55 -37.56
C ALA F 32 -11.46 -18.33 -38.64
N LYS F 33 -10.71 -18.77 -39.65
CA LYS F 33 -11.25 -19.55 -40.75
C LYS F 33 -11.80 -20.91 -40.38
N PHE F 34 -11.20 -21.57 -39.40
CA PHE F 34 -11.69 -22.89 -39.04
C PHE F 34 -12.62 -22.82 -37.88
N GLU F 35 -12.59 -21.67 -37.20
CA GLU F 35 -13.45 -21.43 -36.06
C GLU F 35 -14.72 -20.74 -36.58
N SER F 36 -14.63 -19.47 -36.98
CA SER F 36 -15.80 -18.75 -37.45
C SER F 36 -16.09 -18.90 -38.90
N ASN F 37 -15.09 -19.31 -39.66
CA ASN F 37 -15.25 -19.44 -41.08
C ASN F 37 -15.54 -18.04 -41.56
N PHE F 38 -14.94 -17.12 -40.84
CA PHE F 38 -15.00 -15.69 -41.08
C PHE F 38 -16.31 -14.99 -40.78
N ASN F 39 -17.26 -15.67 -40.16
CA ASN F 39 -18.56 -15.05 -39.85
C ASN F 39 -18.62 -14.53 -38.42
N THR F 40 -18.71 -13.21 -38.28
CA THR F 40 -18.74 -12.56 -36.97
C THR F 40 -19.87 -12.98 -36.08
N GLN F 41 -20.94 -13.43 -36.71
CA GLN F 41 -22.16 -13.86 -36.04
C GLN F 41 -22.23 -15.38 -35.84
N ALA F 42 -21.10 -16.01 -35.60
CA ALA F 42 -21.08 -17.46 -35.41
C ALA F 42 -21.29 -17.86 -33.97
N THR F 43 -22.29 -18.69 -33.78
CA THR F 43 -22.64 -19.16 -32.47
C THR F 43 -22.69 -20.65 -32.48
N ASN F 44 -22.09 -21.30 -31.48
CA ASN F 44 -22.15 -22.75 -31.39
C ASN F 44 -22.19 -23.23 -29.92
N ARG F 45 -23.12 -24.13 -29.60
CA ARG F 45 -23.26 -24.63 -28.20
C ARG F 45 -22.39 -25.84 -27.90
N ASN F 46 -21.78 -25.84 -26.72
CA ASN F 46 -20.93 -26.94 -26.31
C ASN F 46 -21.60 -27.95 -25.39
N THR F 47 -21.00 -29.15 -25.32
CA THR F 47 -21.54 -30.26 -24.53
C THR F 47 -21.77 -29.96 -23.05
N ASP F 48 -21.51 -28.72 -22.67
CA ASP F 48 -21.70 -28.24 -21.30
C ASP F 48 -22.61 -27.01 -21.42
N GLY F 49 -22.56 -26.12 -20.43
CA GLY F 49 -23.38 -24.92 -20.48
C GLY F 49 -22.78 -23.92 -21.45
N SER F 50 -21.45 -23.95 -21.53
CA SER F 50 -20.67 -23.06 -22.40
C SER F 50 -21.19 -23.02 -23.83
N THR F 51 -21.02 -21.85 -24.43
CA THR F 51 -21.43 -21.54 -25.79
C THR F 51 -20.34 -20.61 -26.36
N ASP F 52 -19.77 -20.98 -27.50
CA ASP F 52 -18.73 -20.19 -28.14
C ASP F 52 -19.35 -19.14 -29.06
N TYR F 53 -18.83 -17.94 -28.97
CA TYR F 53 -19.37 -16.85 -29.71
C TYR F 53 -18.43 -16.10 -30.64
N GLY F 54 -18.97 -15.77 -31.80
CA GLY F 54 -18.25 -14.97 -32.76
C GLY F 54 -17.17 -15.54 -33.64
N ILE F 55 -16.41 -14.60 -34.22
CA ILE F 55 -15.34 -14.89 -35.15
C ILE F 55 -14.15 -15.67 -34.56
N LEU F 56 -13.89 -15.55 -33.26
CA LEU F 56 -12.82 -16.34 -32.66
C LEU F 56 -13.40 -17.27 -31.60
N GLN F 57 -14.65 -17.67 -31.77
CA GLN F 57 -15.32 -18.60 -30.85
C GLN F 57 -14.94 -18.61 -29.37
N ILE F 58 -15.03 -17.43 -28.75
CA ILE F 58 -14.70 -17.23 -27.35
C ILE F 58 -15.74 -17.83 -26.43
N ASN F 59 -15.30 -18.58 -25.44
CA ASN F 59 -16.23 -19.28 -24.53
C ASN F 59 -16.98 -18.51 -23.45
N SER F 60 -18.23 -18.88 -23.25
CA SER F 60 -19.12 -18.25 -22.27
C SER F 60 -18.89 -18.65 -20.79
N ARG F 61 -18.32 -19.82 -20.51
CA ARG F 61 -18.10 -20.16 -19.13
C ARG F 61 -16.85 -19.50 -18.53
N TRP F 62 -15.94 -19.03 -19.37
CA TRP F 62 -14.69 -18.45 -18.84
C TRP F 62 -14.30 -17.04 -19.16
N TRP F 63 -14.65 -16.56 -20.34
CA TRP F 63 -14.22 -15.23 -20.72
C TRP F 63 -15.31 -14.17 -20.95
N CYS F 64 -16.47 -14.59 -21.49
CA CYS F 64 -17.57 -13.64 -21.69
C CYS F 64 -18.75 -14.08 -20.86
N ASN F 65 -19.88 -13.40 -21.03
CA ASN F 65 -21.10 -13.74 -20.27
C ASN F 65 -22.32 -13.79 -21.20
N ASP F 66 -23.00 -14.94 -21.23
CA ASP F 66 -24.21 -15.09 -22.04
C ASP F 66 -25.44 -15.32 -21.14
N GLY F 67 -25.25 -14.98 -19.85
CA GLY F 67 -26.28 -15.10 -18.82
C GLY F 67 -27.15 -16.33 -18.87
N ARG F 68 -26.57 -17.47 -19.25
CA ARG F 68 -27.29 -18.74 -19.38
C ARG F 68 -26.34 -19.90 -19.07
N THR F 69 -25.04 -19.62 -19.19
CA THR F 69 -24.02 -20.63 -18.91
C THR F 69 -23.60 -20.56 -17.44
N PRO F 70 -23.59 -21.71 -16.75
CA PRO F 70 -23.22 -21.88 -15.34
C PRO F 70 -21.70 -21.91 -15.05
N GLY F 71 -21.29 -21.17 -14.03
CA GLY F 71 -19.88 -21.12 -13.64
C GLY F 71 -19.15 -20.02 -14.40
N SER F 72 -19.91 -19.21 -15.13
CA SER F 72 -19.35 -18.13 -15.93
C SER F 72 -18.36 -17.30 -15.14
N ARG F 73 -17.10 -17.50 -15.41
CA ARG F 73 -16.07 -16.76 -14.72
C ARG F 73 -15.95 -15.38 -15.30
N ASN F 74 -16.49 -15.15 -16.50
CA ASN F 74 -16.38 -13.84 -17.22
C ASN F 74 -15.04 -13.07 -16.96
N LEU F 75 -13.92 -13.70 -17.31
CA LEU F 75 -12.60 -13.10 -17.08
C LEU F 75 -12.25 -11.93 -17.98
N CYS F 76 -12.88 -11.90 -19.14
CA CYS F 76 -12.66 -10.84 -20.10
C CYS F 76 -13.53 -9.61 -19.79
N ASN F 77 -14.49 -9.77 -18.87
CA ASN F 77 -15.46 -8.72 -18.48
C ASN F 77 -16.21 -8.13 -19.68
N ILE F 78 -17.01 -8.98 -20.32
CA ILE F 78 -17.73 -8.56 -21.50
C ILE F 78 -18.85 -9.55 -21.70
N PRO F 79 -19.94 -9.09 -22.33
CA PRO F 79 -21.04 -10.02 -22.57
C PRO F 79 -20.68 -10.70 -23.89
N CYS F 80 -20.97 -11.99 -23.93
CA CYS F 80 -20.69 -12.76 -25.11
C CYS F 80 -21.25 -12.02 -26.32
N SER F 81 -22.41 -11.41 -26.16
CA SER F 81 -23.06 -10.71 -27.26
C SER F 81 -22.28 -9.53 -27.77
N ALA F 82 -21.33 -9.06 -26.97
CA ALA F 82 -20.52 -7.93 -27.41
C ALA F 82 -19.68 -8.36 -28.60
N LEU F 83 -19.49 -9.67 -28.73
CA LEU F 83 -18.66 -10.29 -29.76
C LEU F 83 -19.33 -10.76 -31.09
N LEU F 84 -20.60 -10.40 -31.32
CA LEU F 84 -21.30 -10.78 -32.54
C LEU F 84 -21.43 -9.61 -33.51
N SER F 85 -20.43 -8.74 -33.50
CA SER F 85 -20.44 -7.55 -34.35
C SER F 85 -19.37 -7.45 -35.45
N SER F 86 -19.65 -6.58 -36.43
CA SER F 86 -18.75 -6.32 -37.54
C SER F 86 -17.38 -5.93 -37.00
N ASP F 87 -17.40 -5.34 -35.80
CA ASP F 87 -16.18 -4.94 -35.15
C ASP F 87 -15.51 -6.13 -34.53
N ILE F 88 -14.23 -6.28 -34.82
CA ILE F 88 -13.51 -7.39 -34.25
C ILE F 88 -12.70 -6.86 -33.08
N THR F 89 -12.95 -5.62 -32.66
CA THR F 89 -12.19 -5.02 -31.56
C THR F 89 -12.51 -5.68 -30.23
N ALA F 90 -13.77 -5.99 -30.02
CA ALA F 90 -14.10 -6.62 -28.76
C ALA F 90 -13.63 -8.06 -28.69
N SER F 91 -13.51 -8.68 -29.86
CA SER F 91 -13.10 -10.09 -29.95
C SER F 91 -11.59 -10.24 -29.90
N VAL F 92 -10.89 -9.36 -30.58
CA VAL F 92 -9.45 -9.38 -30.57
C VAL F 92 -8.90 -9.17 -29.12
N ASN F 93 -9.34 -8.09 -28.48
CA ASN F 93 -8.88 -7.73 -27.15
C ASN F 93 -9.06 -8.80 -26.07
N CYS F 94 -10.19 -9.49 -26.08
CA CYS F 94 -10.46 -10.56 -25.13
C CYS F 94 -9.54 -11.71 -25.51
N ALA F 95 -9.22 -11.81 -26.80
CA ALA F 95 -8.35 -12.86 -27.32
C ALA F 95 -7.02 -12.66 -26.67
N LYS F 96 -6.57 -11.41 -26.71
CA LYS F 96 -5.30 -10.99 -26.12
C LYS F 96 -5.23 -11.23 -24.62
N LYS F 97 -6.38 -11.46 -24.00
CA LYS F 97 -6.42 -11.73 -22.57
C LYS F 97 -6.15 -13.21 -22.32
N ILE F 98 -6.59 -14.04 -23.27
CA ILE F 98 -6.45 -15.49 -23.22
C ILE F 98 -5.02 -15.94 -23.52
N VAL F 99 -4.46 -15.37 -24.59
CA VAL F 99 -3.10 -15.70 -25.01
C VAL F 99 -2.09 -15.03 -24.09
N SER F 100 -1.88 -15.67 -22.95
CA SER F 100 -0.95 -15.20 -21.93
C SER F 100 0.51 -15.45 -22.33
N ASP F 101 0.84 -16.71 -22.57
CA ASP F 101 2.18 -17.12 -22.96
C ASP F 101 2.24 -17.48 -24.45
N GLY F 102 3.12 -18.41 -24.79
CA GLY F 102 3.30 -18.84 -26.17
C GLY F 102 2.63 -20.15 -26.53
N ASN F 103 1.81 -20.63 -25.62
CA ASN F 103 1.04 -21.83 -25.87
C ASN F 103 -0.34 -21.32 -25.59
N GLY F 104 -0.45 -20.00 -25.63
CA GLY F 104 -1.70 -19.34 -25.41
C GLY F 104 -2.65 -19.72 -26.51
N MET F 105 -2.14 -20.08 -27.68
CA MET F 105 -3.05 -20.44 -28.77
C MET F 105 -3.66 -21.84 -28.71
N ASN F 106 -3.32 -22.59 -27.68
CA ASN F 106 -3.89 -23.93 -27.48
C ASN F 106 -5.36 -23.72 -27.06
N ALA F 107 -5.69 -22.46 -26.79
CA ALA F 107 -7.02 -22.05 -26.41
C ALA F 107 -8.00 -22.51 -27.48
N TRP F 108 -7.69 -22.17 -28.73
CA TRP F 108 -8.51 -22.51 -29.90
C TRP F 108 -8.22 -23.90 -30.41
N VAL F 109 -9.17 -24.80 -30.29
CA VAL F 109 -8.95 -26.17 -30.71
C VAL F 109 -8.70 -26.33 -32.21
N ALA F 110 -9.45 -25.62 -33.05
CA ALA F 110 -9.26 -25.75 -34.49
C ALA F 110 -7.90 -25.29 -34.95
N TRP F 111 -7.29 -24.42 -34.20
CA TRP F 111 -6.00 -23.98 -34.63
C TRP F 111 -5.03 -25.05 -34.22
N ARG F 112 -5.24 -25.65 -33.05
CA ARG F 112 -4.33 -26.70 -32.60
C ARG F 112 -4.46 -27.85 -33.59
N ASN F 113 -5.70 -28.17 -33.92
CA ASN F 113 -5.99 -29.26 -34.82
C ASN F 113 -5.80 -28.95 -36.29
N ARG F 114 -5.94 -27.70 -36.69
CA ARG F 114 -5.83 -27.41 -38.12
C ARG F 114 -4.90 -26.33 -38.60
N CYS F 115 -4.08 -25.77 -37.72
CA CYS F 115 -3.15 -24.72 -38.11
C CYS F 115 -1.78 -24.91 -37.50
N LYS F 116 -1.70 -25.64 -36.41
CA LYS F 116 -0.40 -25.79 -35.80
C LYS F 116 0.52 -26.59 -36.72
N GLY F 117 1.61 -25.96 -37.11
CA GLY F 117 2.58 -26.61 -37.98
C GLY F 117 2.16 -26.78 -39.43
N THR F 118 1.65 -25.72 -40.03
CA THR F 118 1.26 -25.75 -41.42
C THR F 118 1.67 -24.39 -41.94
N ASP F 119 1.73 -24.22 -43.25
CA ASP F 119 2.14 -22.92 -43.80
C ASP F 119 1.10 -21.84 -43.47
N VAL F 120 0.98 -21.47 -42.19
CA VAL F 120 0.01 -20.48 -41.78
C VAL F 120 0.26 -19.18 -42.47
N GLN F 121 1.48 -18.98 -42.93
CA GLN F 121 1.87 -17.78 -43.64
C GLN F 121 1.04 -17.65 -44.89
N ALA F 122 0.54 -18.77 -45.39
CA ALA F 122 -0.27 -18.85 -46.60
C ALA F 122 -1.57 -18.08 -46.54
N TRP F 123 -1.98 -17.77 -45.32
CA TRP F 123 -3.22 -17.06 -45.13
C TRP F 123 -3.08 -15.56 -45.36
N ILE F 124 -1.85 -15.04 -45.37
CA ILE F 124 -1.62 -13.60 -45.58
C ILE F 124 -0.88 -13.24 -46.88
N ARG F 125 -0.27 -14.22 -47.50
CA ARG F 125 0.45 -13.93 -48.73
C ARG F 125 -0.53 -13.43 -49.79
N GLY F 126 -0.24 -12.29 -50.38
CA GLY F 126 -1.13 -11.79 -51.40
C GLY F 126 -2.05 -10.70 -50.88
N CYS F 127 -1.81 -10.24 -49.68
CA CYS F 127 -2.66 -9.20 -49.15
C CYS F 127 -2.00 -7.87 -49.30
N ARG F 128 -2.75 -6.81 -49.04
CA ARG F 128 -2.14 -5.51 -49.14
C ARG F 128 -1.91 -4.95 -47.76
N LEU F 129 -0.99 -5.58 -47.04
CA LEU F 129 -0.58 -5.11 -45.71
C LEU F 129 0.94 -4.81 -45.67
#